data_6FOY
#
_entry.id   6FOY
#
_cell.length_a   69.800
_cell.length_b   52.977
_cell.length_c   135.765
_cell.angle_alpha   90.000
_cell.angle_beta   103.833
_cell.angle_gamma   90.000
#
_symmetry.space_group_name_H-M   'P 1 21 1'
#
loop_
_entity.id
_entity.type
_entity.pdbx_description
1 polymer 'Kynurenine 3-monooxygenase'
2 non-polymer 'FLAVIN-ADENINE DINUCLEOTIDE'
3 non-polymer '5-[2,3-bis(chloranyl)phenyl]furan-2-carboxylic acid'
4 non-polymer 'TRIETHYLENE GLYCOL'
5 non-polymer 'CALCIUM ION'
6 water water
#
_entity_poly.entity_id   1
_entity_poly.type   'polypeptide(L)'
_entity_poly.pdbx_seq_one_letter_code
;TATDNARQVTIIGAGLAGTLVARLLARNGWQVNLFERRPDPRIETGARGRSINLALAERGAHALRLAGLEREVLAEAVMM
RGRMVHVPGTPPNLQPYGRDDSEVIWSINRDRLNRILLDGAEAAGASIHFNLGLDSVDFARQRLTLSNVSGERLEKRFHL
LIGADGCNSAVRQAMASVVDLGEHLETQPHGYKELQITPEASAQFNLEPNALHIWPHGDYMCIALPNLDRSFTVTLFLHH
QSPAAQPASPSFAQLVDGHAARRFFQRQFPDLSPMLDSLEQDFEHHPTGKLATLRLTTWHVGGQAVLLGDAAHPMVPFHG
QGMNCALEDAVALAEHLQSAADNASALAAFTAQRQPDALAIQAMALENYVEMSSKVASPTYLLERELGQIMAQRQPTRFI
PRYSMVTFSRLPYAQAMARGQIQEQLLKFAVANHSDLTSINLDAVEHEVTRCLPPLSHLS
;
_entity_poly.pdbx_strand_id   A,B
#
loop_
_chem_comp.id
_chem_comp.type
_chem_comp.name
_chem_comp.formula
CA non-polymer 'CALCIUM ION' 'Ca 2'
E0T non-polymer '5-[2,3-bis(chloranyl)phenyl]furan-2-carboxylic acid' 'C11 H6 Cl2 O3'
FAD non-polymer 'FLAVIN-ADENINE DINUCLEOTIDE' 'C27 H33 N9 O15 P2'
PGE non-polymer 'TRIETHYLENE GLYCOL' 'C6 H14 O4'
#
# COMPACT_ATOMS: atom_id res chain seq x y z
N ALA A 6 11.85 -16.79 46.21
CA ALA A 6 10.75 -16.12 45.49
C ALA A 6 11.11 -14.69 45.09
N ARG A 7 11.03 -14.40 43.80
CA ARG A 7 11.37 -13.08 43.27
C ARG A 7 10.34 -12.06 43.70
N GLN A 8 10.77 -10.83 43.91
CA GLN A 8 9.96 -9.79 44.50
C GLN A 8 9.62 -8.71 43.48
N VAL A 9 8.39 -8.17 43.58
CA VAL A 9 7.99 -7.10 42.69
C VAL A 9 6.95 -6.22 43.37
N THR A 10 7.07 -4.92 43.11
CA THR A 10 6.16 -3.91 43.59
C THR A 10 5.48 -3.31 42.38
N ILE A 11 4.16 -3.30 42.40
CA ILE A 11 3.37 -2.76 41.30
C ILE A 11 2.61 -1.54 41.78
N ILE A 12 2.68 -0.46 41.00
CA ILE A 12 1.98 0.76 41.31
C ILE A 12 0.81 0.87 40.35
N GLY A 13 -0.40 0.85 40.91
CA GLY A 13 -1.63 1.00 40.17
C GLY A 13 -2.40 -0.30 40.06
N ALA A 14 -3.51 -0.42 40.79
CA ALA A 14 -4.39 -1.60 40.68
C ALA A 14 -5.55 -1.29 39.75
N GLY A 15 -5.16 -0.94 38.53
CA GLY A 15 -6.07 -0.78 37.43
C GLY A 15 -6.15 -2.04 36.60
N LEU A 16 -6.19 -1.90 35.30
CA LEU A 16 -6.40 -3.10 34.51
C LEU A 16 -5.10 -3.83 34.27
N ALA A 17 -4.06 -3.13 33.83
CA ALA A 17 -2.79 -3.80 33.60
C ALA A 17 -2.16 -4.26 34.91
N GLY A 18 -2.20 -3.43 35.93
CA GLY A 18 -1.47 -3.76 37.13
C GLY A 18 -2.03 -4.96 37.85
N THR A 19 -3.37 -5.07 37.88
CA THR A 19 -3.98 -6.20 38.57
CA THR A 19 -3.96 -6.19 38.57
C THR A 19 -3.77 -7.49 37.78
N LEU A 20 -3.81 -7.42 36.45
CA LEU A 20 -3.55 -8.63 35.69
C LEU A 20 -2.11 -9.08 35.86
N VAL A 21 -1.16 -8.15 35.78
CA VAL A 21 0.23 -8.59 35.88
C VAL A 21 0.50 -9.09 37.29
N ALA A 22 -0.19 -8.53 38.29
CA ALA A 22 -0.08 -9.02 39.66
C ALA A 22 -0.51 -10.48 39.74
N ARG A 23 -1.65 -10.81 39.11
CA ARG A 23 -2.12 -12.19 39.15
C ARG A 23 -1.16 -13.14 38.45
N LEU A 24 -0.71 -12.76 37.26
CA LEU A 24 0.17 -13.62 36.49
C LEU A 24 1.50 -13.88 37.20
N LEU A 25 2.08 -12.87 37.83
CA LEU A 25 3.32 -13.08 38.56
C LEU A 25 3.07 -13.85 39.86
N ALA A 26 2.02 -13.49 40.62
CA ALA A 26 1.77 -14.16 41.89
C ALA A 26 1.52 -15.64 41.70
N ARG A 27 0.83 -16.01 40.64
CA ARG A 27 0.58 -17.43 40.50
C ARG A 27 1.82 -18.19 40.02
N ASN A 28 2.82 -17.51 39.49
CA ASN A 28 4.11 -18.08 39.18
C ASN A 28 5.10 -18.00 40.34
N GLY A 29 4.61 -17.67 41.53
CA GLY A 29 5.41 -17.76 42.72
C GLY A 29 6.08 -16.46 43.12
N TRP A 30 5.85 -15.37 42.39
CA TRP A 30 6.46 -14.10 42.79
C TRP A 30 5.79 -13.57 44.05
N GLN A 31 6.55 -12.83 44.84
CA GLN A 31 6.02 -12.09 45.98
C GLN A 31 5.62 -10.72 45.46
N VAL A 32 4.32 -10.46 45.41
CA VAL A 32 3.76 -9.29 44.74
C VAL A 32 3.09 -8.40 45.76
N ASN A 33 3.50 -7.14 45.79
CA ASN A 33 2.78 -6.09 46.51
C ASN A 33 2.30 -5.04 45.53
N LEU A 34 1.01 -4.76 45.55
CA LEU A 34 0.38 -3.81 44.63
C LEU A 34 -0.15 -2.67 45.45
N PHE A 35 0.18 -1.45 45.03
CA PHE A 35 -0.17 -0.21 45.72
C PHE A 35 -1.08 0.61 44.81
N GLU A 36 -2.21 1.04 45.38
CA GLU A 36 -3.29 1.72 44.66
C GLU A 36 -3.68 2.99 45.41
N ARG A 37 -3.78 4.11 44.70
CA ARG A 37 -4.11 5.38 45.33
CA ARG A 37 -4.11 5.39 45.33
C ARG A 37 -5.57 5.42 45.80
N ARG A 38 -6.47 4.84 45.01
N ARG A 38 -6.47 4.84 45.03
CA ARG A 38 -7.89 4.87 45.33
CA ARG A 38 -7.88 4.88 45.34
C ARG A 38 -8.22 3.93 46.49
C ARG A 38 -8.24 3.89 46.43
N PRO A 39 -9.42 4.06 47.06
CA PRO A 39 -9.92 3.05 47.97
C PRO A 39 -10.23 1.78 47.21
N ASP A 40 -10.35 0.71 47.96
CA ASP A 40 -10.74 -0.59 47.43
C ASP A 40 -12.18 -0.52 46.93
N PRO A 41 -12.42 -0.66 45.64
CA PRO A 41 -13.79 -0.57 45.14
C PRO A 41 -14.69 -1.71 45.59
N ARG A 42 -14.11 -2.78 46.12
CA ARG A 42 -14.89 -3.89 46.65
C ARG A 42 -15.49 -3.62 48.03
N ILE A 43 -15.02 -2.59 48.73
CA ILE A 43 -15.61 -2.20 50.00
C ILE A 43 -16.80 -1.29 49.68
N GLU A 44 -17.99 -1.83 49.81
CA GLU A 44 -19.19 -1.11 49.43
C GLU A 44 -19.39 0.07 50.38
N THR A 45 -19.65 1.23 49.81
CA THR A 45 -19.96 2.44 50.55
C THR A 45 -21.32 2.94 50.12
N GLY A 46 -21.72 4.04 50.73
CA GLY A 46 -22.94 4.69 50.32
C GLY A 46 -22.77 5.63 49.15
N ALA A 47 -21.60 5.65 48.53
CA ALA A 47 -21.34 6.50 47.37
C ALA A 47 -22.08 6.00 46.14
N ARG A 48 -22.34 6.94 45.23
CA ARG A 48 -22.97 6.66 43.95
C ARG A 48 -22.15 5.67 43.13
N GLY A 49 -22.84 4.80 42.40
CA GLY A 49 -22.16 3.85 41.53
C GLY A 49 -21.52 4.52 40.34
N ARG A 50 -20.73 3.73 39.61
CA ARG A 50 -19.90 4.24 38.52
C ARG A 50 -20.23 3.44 37.27
N SER A 51 -20.76 4.12 36.26
CA SER A 51 -21.32 3.45 35.08
C SER A 51 -20.47 3.58 33.82
N ILE A 52 -19.17 3.79 33.95
CA ILE A 52 -18.31 3.79 32.76
C ILE A 52 -18.15 2.36 32.25
N ASN A 53 -18.25 2.18 30.93
CA ASN A 53 -18.02 0.86 30.35
CA ASN A 53 -18.10 0.88 30.29
C ASN A 53 -16.98 0.95 29.25
N LEU A 54 -16.53 -0.22 28.82
CA LEU A 54 -15.45 -0.37 27.87
C LEU A 54 -15.75 -1.52 26.93
N ALA A 55 -15.22 -1.40 25.73
CA ALA A 55 -15.29 -2.45 24.73
C ALA A 55 -14.09 -3.40 24.87
N LEU A 56 -14.38 -4.65 25.22
CA LEU A 56 -13.38 -5.71 25.32
C LEU A 56 -13.36 -6.51 24.04
N ALA A 57 -12.20 -6.62 23.42
CA ALA A 57 -12.03 -7.31 22.16
C ALA A 57 -11.14 -8.55 22.35
N GLU A 58 -10.76 -9.17 21.25
CA GLU A 58 -10.13 -10.47 21.36
C GLU A 58 -8.79 -10.40 22.07
N ARG A 59 -8.05 -9.30 21.92
CA ARG A 59 -6.75 -9.18 22.59
C ARG A 59 -6.91 -9.18 24.11
N GLY A 60 -7.84 -8.36 24.61
CA GLY A 60 -8.12 -8.35 26.03
C GLY A 60 -8.73 -9.65 26.50
N ALA A 61 -9.64 -10.20 25.71
CA ALA A 61 -10.29 -11.43 26.11
C ALA A 61 -9.28 -12.56 26.23
N HIS A 62 -8.37 -12.64 25.29
CA HIS A 62 -7.37 -13.69 25.35
C HIS A 62 -6.46 -13.54 26.55
N ALA A 63 -6.13 -12.29 26.91
CA ALA A 63 -5.32 -12.07 28.09
C ALA A 63 -6.04 -12.56 29.34
N LEU A 64 -7.34 -12.29 29.42
CA LEU A 64 -8.12 -12.75 30.54
C LEU A 64 -8.25 -14.26 30.52
N ARG A 65 -8.37 -14.85 29.33
CA ARG A 65 -8.42 -16.29 29.17
C ARG A 65 -7.17 -16.96 29.75
N LEU A 66 -5.99 -16.45 29.39
CA LEU A 66 -4.74 -16.98 29.92
C LEU A 66 -4.69 -16.89 31.44
N ALA A 67 -5.28 -15.84 32.00
CA ALA A 67 -5.31 -15.67 33.44
C ALA A 67 -6.43 -16.44 34.13
N GLY A 68 -7.29 -17.12 33.38
CA GLY A 68 -8.39 -17.87 33.96
C GLY A 68 -9.55 -17.03 34.40
N LEU A 69 -9.67 -15.80 33.90
CA LEU A 69 -10.76 -14.91 34.32
C LEU A 69 -11.75 -14.58 33.24
N GLU A 70 -11.60 -15.13 32.02
CA GLU A 70 -12.44 -14.67 30.91
C GLU A 70 -13.91 -15.02 31.15
N ARG A 71 -14.18 -16.23 31.66
CA ARG A 71 -15.56 -16.64 31.87
C ARG A 71 -16.27 -15.70 32.82
N GLU A 72 -15.59 -15.31 33.91
CA GLU A 72 -16.24 -14.49 34.92
C GLU A 72 -16.54 -13.10 34.37
N VAL A 73 -15.65 -12.58 33.53
CA VAL A 73 -15.80 -11.25 32.95
C VAL A 73 -16.92 -11.27 31.92
N LEU A 74 -16.92 -12.28 31.06
CA LEU A 74 -17.92 -12.30 29.99
C LEU A 74 -19.33 -12.49 30.54
N ALA A 75 -19.49 -13.18 31.68
CA ALA A 75 -20.80 -13.35 32.28
C ALA A 75 -21.47 -12.02 32.60
N GLU A 76 -20.69 -10.97 32.78
CA GLU A 76 -21.19 -9.64 33.09
C GLU A 76 -21.04 -8.68 31.92
N ALA A 77 -20.94 -9.19 30.69
CA ALA A 77 -20.71 -8.33 29.55
C ALA A 77 -21.80 -8.48 28.50
N VAL A 78 -22.08 -7.39 27.81
CA VAL A 78 -23.09 -7.38 26.76
C VAL A 78 -22.41 -7.56 25.41
N MET A 79 -22.93 -8.50 24.63
CA MET A 79 -22.36 -8.73 23.31
C MET A 79 -22.70 -7.56 22.39
N MET A 80 -21.73 -7.07 21.64
CA MET A 80 -22.01 -6.08 20.60
C MET A 80 -21.66 -6.72 19.26
N ARG A 81 -22.70 -6.99 18.48
CA ARG A 81 -22.60 -7.74 17.25
C ARG A 81 -22.26 -6.87 16.06
N GLY A 82 -22.37 -5.56 16.21
CA GLY A 82 -22.12 -4.68 15.08
C GLY A 82 -22.15 -3.24 15.53
N ARG A 83 -21.87 -2.36 14.58
CA ARG A 83 -21.91 -0.93 14.78
C ARG A 83 -23.22 -0.38 14.25
N MET A 84 -23.91 0.40 15.06
CA MET A 84 -25.18 1.03 14.69
C MET A 84 -24.93 2.53 14.51
N VAL A 85 -24.96 2.99 13.26
CA VAL A 85 -24.62 4.36 12.92
C VAL A 85 -25.90 5.15 12.76
N HIS A 86 -26.03 6.21 13.55
CA HIS A 86 -27.20 7.06 13.55
C HIS A 86 -26.88 8.35 12.83
N VAL A 87 -27.60 8.60 11.73
CA VAL A 87 -27.55 9.89 11.04
C VAL A 87 -29.00 10.30 10.83
N PRO A 88 -29.41 11.50 11.21
CA PRO A 88 -30.81 11.89 11.02
C PRO A 88 -31.21 11.75 9.55
N GLY A 89 -32.44 11.31 9.35
CA GLY A 89 -32.95 11.14 8.01
C GLY A 89 -32.69 9.77 7.39
N THR A 90 -31.92 8.92 8.06
CA THR A 90 -31.75 7.54 7.63
C THR A 90 -31.99 6.66 8.86
N PRO A 91 -32.76 5.59 8.74
CA PRO A 91 -32.88 4.65 9.86
C PRO A 91 -31.51 4.18 10.31
N PRO A 92 -31.36 3.76 11.57
CA PRO A 92 -30.05 3.28 12.01
C PRO A 92 -29.58 2.11 11.16
N ASN A 93 -28.33 2.19 10.70
CA ASN A 93 -27.74 1.18 9.84
C ASN A 93 -26.81 0.29 10.66
N LEU A 94 -27.21 -0.98 10.82
CA LEU A 94 -26.47 -1.96 11.64
C LEU A 94 -25.45 -2.65 10.74
N GLN A 95 -24.18 -2.37 10.99
CA GLN A 95 -23.06 -2.92 10.25
C GLN A 95 -22.48 -4.06 11.05
N PRO A 96 -22.82 -5.32 10.75
CA PRO A 96 -22.30 -6.43 11.56
C PRO A 96 -20.78 -6.52 11.50
N TYR A 97 -20.18 -6.91 12.61
CA TYR A 97 -18.72 -7.01 12.69
C TYR A 97 -18.19 -8.22 11.94
N GLY A 98 -19.00 -9.27 11.81
CA GLY A 98 -18.59 -10.45 11.08
C GLY A 98 -19.77 -11.29 10.68
N ARG A 99 -19.47 -12.50 10.21
CA ARG A 99 -20.51 -13.41 9.73
C ARG A 99 -21.28 -14.09 10.85
N ASP A 100 -20.71 -14.18 12.06
CA ASP A 100 -21.42 -14.84 13.15
C ASP A 100 -20.97 -14.27 14.48
N ASP A 101 -21.61 -14.75 15.55
CA ASP A 101 -21.33 -14.23 16.89
C ASP A 101 -19.97 -14.59 17.42
N SER A 102 -19.09 -15.24 16.64
CA SER A 102 -17.72 -15.36 17.11
C SER A 102 -16.96 -14.06 16.94
N GLU A 103 -17.44 -13.17 16.07
CA GLU A 103 -16.78 -11.91 15.79
C GLU A 103 -17.61 -10.81 16.42
N VAL A 104 -17.38 -10.59 17.71
CA VAL A 104 -18.13 -9.61 18.46
C VAL A 104 -17.19 -8.92 19.43
N ILE A 105 -17.66 -7.80 19.95
CA ILE A 105 -16.98 -7.18 21.08
C ILE A 105 -17.97 -7.09 22.24
N TRP A 106 -17.40 -6.95 23.41
CA TRP A 106 -18.09 -7.08 24.68
C TRP A 106 -18.06 -5.77 25.44
N SER A 107 -19.24 -5.31 25.81
CA SER A 107 -19.37 -4.11 26.66
C SER A 107 -19.35 -4.54 28.13
N ILE A 108 -18.32 -4.10 28.87
CA ILE A 108 -18.14 -4.45 30.27
C ILE A 108 -18.02 -3.19 31.10
N ASN A 109 -18.71 -3.18 32.24
CA ASN A 109 -18.58 -2.10 33.21
C ASN A 109 -17.17 -2.12 33.79
N ARG A 110 -16.50 -0.95 33.77
CA ARG A 110 -15.09 -0.88 34.16
C ARG A 110 -14.92 -1.24 35.62
N ASP A 111 -15.80 -0.74 36.47
CA ASP A 111 -15.69 -1.05 37.90
C ASP A 111 -15.84 -2.55 38.13
N ARG A 112 -16.76 -3.21 37.42
CA ARG A 112 -16.94 -4.65 37.61
C ARG A 112 -15.73 -5.42 37.11
N LEU A 113 -15.17 -5.00 36.00
CA LEU A 113 -13.95 -5.63 35.52
C LEU A 113 -12.80 -5.44 36.51
N ASN A 114 -12.64 -4.25 37.06
CA ASN A 114 -11.56 -4.02 38.03
C ASN A 114 -11.76 -4.89 39.28
N ARG A 115 -13.00 -5.03 39.75
CA ARG A 115 -13.26 -5.85 40.93
C ARG A 115 -12.93 -7.32 40.68
N ILE A 116 -13.29 -7.85 39.51
CA ILE A 116 -12.96 -9.22 39.16
C ILE A 116 -11.45 -9.41 39.13
N LEU A 117 -10.74 -8.43 38.54
CA LEU A 117 -9.28 -8.53 38.48
C LEU A 117 -8.65 -8.43 39.86
N LEU A 118 -9.18 -7.56 40.72
CA LEU A 118 -8.62 -7.49 42.08
C LEU A 118 -8.81 -8.79 42.81
N ASP A 119 -10.00 -9.39 42.72
CA ASP A 119 -10.19 -10.70 43.34
C ASP A 119 -9.21 -11.71 42.77
N GLY A 120 -8.99 -11.66 41.46
CA GLY A 120 -8.10 -12.60 40.82
C GLY A 120 -6.67 -12.43 41.32
N ALA A 121 -6.26 -11.20 41.54
CA ALA A 121 -4.89 -10.96 41.98
C ALA A 121 -4.69 -11.46 43.40
N GLU A 122 -5.66 -11.22 44.28
CA GLU A 122 -5.56 -11.71 45.65
C GLU A 122 -5.67 -13.23 45.71
N ALA A 123 -6.49 -13.84 44.86
CA ALA A 123 -6.63 -15.29 44.84
C ALA A 123 -5.32 -15.98 44.47
N ALA A 124 -4.51 -15.36 43.64
CA ALA A 124 -3.21 -15.86 43.21
C ALA A 124 -2.14 -15.59 44.25
N GLY A 125 -2.44 -14.79 45.26
CA GLY A 125 -1.52 -14.53 46.34
C GLY A 125 -0.94 -13.13 46.41
N ALA A 126 -1.34 -12.21 45.53
CA ALA A 126 -0.83 -10.86 45.63
C ALA A 126 -1.42 -10.15 46.84
N SER A 127 -0.61 -9.29 47.45
CA SER A 127 -1.08 -8.36 48.48
C SER A 127 -1.35 -6.99 47.87
N ILE A 128 -2.56 -6.46 48.13
CA ILE A 128 -2.98 -5.20 47.53
C ILE A 128 -3.21 -4.21 48.66
N HIS A 129 -2.63 -3.03 48.50
CA HIS A 129 -2.62 -1.98 49.51
C HIS A 129 -3.24 -0.75 48.89
N PHE A 130 -4.42 -0.37 49.38
CA PHE A 130 -5.16 0.74 48.83
C PHE A 130 -4.89 2.01 49.63
N ASN A 131 -5.41 3.13 49.13
CA ASN A 131 -5.27 4.44 49.78
C ASN A 131 -3.82 4.86 49.95
N LEU A 132 -2.96 4.45 49.02
CA LEU A 132 -1.54 4.78 49.02
C LEU A 132 -1.09 5.14 47.61
N GLY A 133 -0.84 6.40 47.38
CA GLY A 133 -0.45 6.87 46.06
C GLY A 133 1.04 7.11 46.05
N LEU A 134 1.68 6.65 45.00
CA LEU A 134 3.10 6.90 44.85
C LEU A 134 3.36 8.38 44.60
N ASP A 135 4.25 8.94 45.42
CA ASP A 135 4.71 10.31 45.28
C ASP A 135 6.08 10.46 44.61
N SER A 136 7.03 9.58 44.89
CA SER A 136 8.36 9.73 44.31
C SER A 136 9.11 8.42 44.46
N VAL A 137 10.22 8.32 43.73
CA VAL A 137 11.05 7.13 43.74
C VAL A 137 12.50 7.56 43.88
N ASP A 138 13.21 6.92 44.79
CA ASP A 138 14.65 7.12 44.92
C ASP A 138 15.31 5.86 44.36
N PHE A 139 15.70 5.94 43.08
CA PHE A 139 16.25 4.78 42.39
C PHE A 139 17.61 4.37 42.97
N ALA A 140 18.44 5.32 43.35
CA ALA A 140 19.77 4.96 43.86
C ALA A 140 19.66 4.22 45.18
N ARG A 141 18.73 4.61 46.04
CA ARG A 141 18.55 3.97 47.34
CA ARG A 141 18.57 3.95 47.33
C ARG A 141 17.52 2.85 47.32
N GLN A 142 16.87 2.63 46.18
CA GLN A 142 15.88 1.58 46.04
C GLN A 142 14.71 1.75 47.01
N ARG A 143 14.23 2.98 47.17
CA ARG A 143 13.10 3.26 48.03
C ARG A 143 12.08 4.12 47.29
N LEU A 144 10.83 3.98 47.70
CA LEU A 144 9.81 4.82 47.10
C LEU A 144 9.02 5.43 48.24
N THR A 145 8.33 6.51 47.91
CA THR A 145 7.54 7.24 48.89
C THR A 145 6.09 7.23 48.44
N LEU A 146 5.23 6.82 49.35
CA LEU A 146 3.80 6.75 49.13
C LEU A 146 3.09 7.62 50.15
N SER A 147 1.83 7.95 49.84
CA SER A 147 1.04 8.69 50.81
C SER A 147 -0.45 8.54 50.54
N ASN A 148 -1.23 8.69 51.60
CA ASN A 148 -2.67 8.73 51.47
C ASN A 148 -3.11 10.11 51.00
N VAL A 149 -4.43 10.36 50.97
CA VAL A 149 -4.91 11.62 50.43
CA VAL A 149 -4.94 11.62 50.44
C VAL A 149 -4.49 12.79 51.31
N SER A 150 -4.29 12.56 52.61
CA SER A 150 -3.81 13.61 53.50
C SER A 150 -2.35 13.94 53.29
N GLY A 151 -1.62 13.09 52.58
CA GLY A 151 -0.21 13.36 52.37
C GLY A 151 0.71 12.78 53.41
N GLU A 152 0.20 12.07 54.41
CA GLU A 152 1.08 11.36 55.35
C GLU A 152 1.97 10.40 54.57
N ARG A 153 3.29 10.60 54.63
CA ARG A 153 4.22 9.87 53.77
C ARG A 153 4.67 8.57 54.44
N LEU A 154 4.81 7.53 53.64
CA LEU A 154 5.38 6.26 54.06
C LEU A 154 6.40 5.83 53.03
N GLU A 155 7.54 5.31 53.49
CA GLU A 155 8.57 4.84 52.58
C GLU A 155 8.64 3.32 52.54
N LYS A 156 8.96 2.78 51.36
CA LYS A 156 9.13 1.34 51.19
C LYS A 156 10.35 1.09 50.33
N ARG A 157 11.05 0.01 50.66
CA ARG A 157 12.09 -0.51 49.80
C ARG A 157 11.44 -1.22 48.62
N PHE A 158 12.09 -1.16 47.46
CA PHE A 158 11.62 -1.97 46.33
C PHE A 158 12.81 -2.61 45.63
N HIS A 159 12.53 -3.71 44.93
N HIS A 159 12.52 -3.70 44.91
CA HIS A 159 13.53 -4.37 44.09
CA HIS A 159 13.51 -4.43 44.11
C HIS A 159 13.22 -4.22 42.61
C HIS A 159 13.24 -4.34 42.62
N LEU A 160 11.97 -4.47 42.22
CA LEU A 160 11.53 -4.25 40.86
C LEU A 160 10.23 -3.46 40.97
N LEU A 161 10.12 -2.38 40.21
CA LEU A 161 8.96 -1.47 40.25
C LEU A 161 8.27 -1.53 38.90
N ILE A 162 6.99 -1.86 38.91
CA ILE A 162 6.17 -1.85 37.70
C ILE A 162 5.20 -0.68 37.81
N GLY A 163 5.32 0.24 36.87
CA GLY A 163 4.46 1.39 36.80
C GLY A 163 3.26 1.08 35.92
N ALA A 164 2.18 0.70 36.57
CA ALA A 164 0.90 0.44 35.94
C ALA A 164 -0.13 1.49 36.41
N ASP A 165 0.32 2.71 36.56
CA ASP A 165 -0.43 3.76 37.24
C ASP A 165 -1.02 4.78 36.26
N GLY A 166 -1.26 4.37 35.04
CA GLY A 166 -2.16 5.11 34.18
C GLY A 166 -1.51 6.26 33.43
N CYS A 167 -2.34 7.01 32.71
CA CYS A 167 -1.84 7.94 31.73
C CYS A 167 -1.09 9.10 32.35
N ASN A 168 -1.34 9.40 33.63
CA ASN A 168 -0.57 10.41 34.39
C ASN A 168 0.36 9.79 35.43
N SER A 169 0.99 8.70 35.03
CA SER A 169 1.86 7.89 35.86
C SER A 169 2.88 8.66 36.67
N ALA A 170 2.90 8.39 37.97
CA ALA A 170 3.94 8.93 38.83
C ALA A 170 5.23 8.17 38.68
N VAL A 171 5.15 6.87 38.34
CA VAL A 171 6.40 6.14 38.10
C VAL A 171 7.11 6.74 36.91
N ARG A 172 6.35 7.05 35.85
CA ARG A 172 6.92 7.69 34.68
C ARG A 172 7.57 9.02 35.02
N GLN A 173 6.89 9.84 35.82
CA GLN A 173 7.45 11.10 36.28
C GLN A 173 8.77 10.87 37.02
N ALA A 174 8.81 9.87 37.90
CA ALA A 174 10.04 9.58 38.63
C ALA A 174 11.15 9.10 37.70
N MET A 175 10.82 8.27 36.71
CA MET A 175 11.84 7.77 35.78
C MET A 175 12.42 8.92 34.96
N ALA A 176 11.58 9.84 34.52
CA ALA A 176 11.98 10.95 33.66
C ALA A 176 13.03 11.82 34.32
N SER A 177 13.27 11.63 35.61
CA SER A 177 14.30 12.37 36.30
C SER A 177 15.65 11.69 36.28
N VAL A 178 15.71 10.35 36.17
CA VAL A 178 16.99 9.66 36.15
C VAL A 178 17.40 9.19 34.75
N VAL A 179 16.47 9.14 33.81
CA VAL A 179 16.80 8.84 32.43
C VAL A 179 15.98 9.75 31.53
N ASP A 180 16.53 10.05 30.36
CA ASP A 180 15.79 10.78 29.35
C ASP A 180 14.81 9.79 28.72
N LEU A 181 13.53 9.96 28.98
CA LEU A 181 12.56 9.06 28.36
C LEU A 181 12.24 9.45 26.94
N GLY A 182 12.74 10.60 26.48
CA GLY A 182 12.46 11.07 25.15
C GLY A 182 10.97 11.14 24.90
N GLU A 183 10.25 11.87 25.75
CA GLU A 183 8.79 11.92 25.64
C GLU A 183 8.36 12.84 24.53
N HIS A 184 7.34 12.43 23.78
CA HIS A 184 6.76 13.26 22.75
C HIS A 184 5.24 13.24 22.89
N LEU A 185 4.71 14.37 23.32
CA LEU A 185 3.31 14.54 23.66
C LEU A 185 2.57 15.22 22.52
N GLU A 186 1.53 14.56 22.04
CA GLU A 186 0.66 15.06 20.97
C GLU A 186 -0.72 15.24 21.60
N THR A 187 -1.03 16.48 21.95
CA THR A 187 -2.32 16.78 22.55
C THR A 187 -3.44 16.59 21.54
N GLN A 188 -4.58 16.20 22.06
CA GLN A 188 -5.78 15.96 21.31
C GLN A 188 -6.74 17.10 21.61
N PRO A 189 -7.34 17.72 20.60
CA PRO A 189 -8.21 18.87 20.88
C PRO A 189 -9.58 18.49 21.43
N HIS A 190 -10.01 17.23 21.35
CA HIS A 190 -11.30 16.80 21.90
C HIS A 190 -11.20 16.52 23.39
N GLY A 191 -12.13 17.07 24.16
CA GLY A 191 -12.46 16.53 25.45
C GLY A 191 -13.62 15.55 25.32
N TYR A 192 -14.01 14.98 26.45
CA TYR A 192 -15.14 14.06 26.45
C TYR A 192 -15.97 14.23 27.71
N LYS A 193 -17.25 13.87 27.60
CA LYS A 193 -18.23 13.98 28.66
C LYS A 193 -19.09 12.73 28.66
N GLU A 194 -19.21 12.11 29.83
N GLU A 194 -19.24 12.11 29.82
CA GLU A 194 -20.06 10.93 30.00
CA GLU A 194 -20.03 10.89 29.90
C GLU A 194 -21.50 11.36 30.24
C GLU A 194 -21.47 11.26 30.30
N LEU A 195 -22.43 10.74 29.54
CA LEU A 195 -23.86 10.95 29.76
C LEU A 195 -24.54 9.59 29.90
N GLN A 196 -25.83 9.58 30.24
CA GLN A 196 -26.51 8.32 30.53
C GLN A 196 -27.87 8.23 29.87
N ILE A 197 -28.21 7.04 29.36
CA ILE A 197 -29.56 6.71 28.88
C ILE A 197 -30.12 5.63 29.81
N THR A 198 -31.33 5.87 30.35
CA THR A 198 -31.89 4.90 31.26
C THR A 198 -32.45 3.71 30.52
N PRO A 199 -32.65 2.58 31.22
CA PRO A 199 -33.30 1.42 30.60
C PRO A 199 -34.66 1.73 30.03
N GLU A 200 -35.43 2.61 30.68
CA GLU A 200 -36.78 2.90 30.19
C GLU A 200 -36.70 3.71 28.91
N ALA A 201 -35.80 4.68 28.87
CA ALA A 201 -35.64 5.50 27.68
C ALA A 201 -35.10 4.67 26.54
N SER A 202 -34.12 3.81 26.79
CA SER A 202 -33.56 3.06 25.67
C SER A 202 -34.59 2.11 25.09
N ALA A 203 -35.43 1.51 25.94
CA ALA A 203 -36.51 0.67 25.41
C ALA A 203 -37.56 1.49 24.68
N GLN A 204 -37.92 2.68 25.21
CA GLN A 204 -38.95 3.47 24.57
C GLN A 204 -38.59 3.86 23.13
N PHE A 205 -37.30 4.07 22.87
CA PHE A 205 -36.84 4.46 21.55
C PHE A 205 -36.20 3.31 20.78
N ASN A 206 -36.34 2.09 21.29
CA ASN A 206 -35.92 0.89 20.58
C ASN A 206 -34.43 0.90 20.25
N LEU A 207 -33.63 1.37 21.19
CA LEU A 207 -32.18 1.37 20.98
C LEU A 207 -31.67 -0.06 21.14
N GLU A 208 -31.06 -0.61 20.09
CA GLU A 208 -30.62 -2.01 20.08
C GLU A 208 -29.58 -2.29 21.16
N PRO A 209 -29.82 -3.25 22.05
CA PRO A 209 -28.86 -3.47 23.14
C PRO A 209 -27.60 -4.16 22.69
N ASN A 210 -27.68 -4.99 21.66
CA ASN A 210 -26.50 -5.79 21.29
C ASN A 210 -25.73 -5.16 20.14
N ALA A 211 -25.40 -3.88 20.34
CA ALA A 211 -24.65 -3.11 19.35
C ALA A 211 -23.91 -1.96 20.00
N LEU A 212 -22.88 -1.50 19.31
CA LEU A 212 -22.19 -0.26 19.67
C LEU A 212 -22.76 0.84 18.78
N HIS A 213 -23.23 1.91 19.40
CA HIS A 213 -23.93 2.99 18.71
C HIS A 213 -23.03 4.19 18.53
N ILE A 214 -23.15 4.85 17.38
CA ILE A 214 -22.32 5.99 17.05
C ILE A 214 -23.19 7.01 16.33
N TRP A 215 -23.08 8.27 16.75
CA TRP A 215 -23.72 9.44 16.15
C TRP A 215 -22.60 10.31 15.61
N PRO A 216 -22.13 10.08 14.39
CA PRO A 216 -21.06 10.91 13.84
C PRO A 216 -21.54 12.31 13.51
N HIS A 217 -20.64 13.27 13.64
CA HIS A 217 -20.96 14.64 13.30
C HIS A 217 -19.70 15.42 12.97
N GLY A 218 -18.76 14.81 12.26
CA GLY A 218 -17.57 15.50 11.80
C GLY A 218 -16.56 15.70 12.91
N ASP A 219 -16.35 16.95 13.30
CA ASP A 219 -15.39 17.28 14.34
C ASP A 219 -15.87 16.92 15.73
N TYR A 220 -17.11 16.46 15.88
CA TYR A 220 -17.58 15.93 17.15
C TYR A 220 -18.47 14.73 16.89
N MET A 221 -18.73 13.96 17.95
CA MET A 221 -19.54 12.75 17.82
C MET A 221 -19.92 12.23 19.20
N CYS A 222 -20.93 11.34 19.22
CA CYS A 222 -21.28 10.59 20.41
C CYS A 222 -21.21 9.10 20.13
N ILE A 223 -20.87 8.34 21.16
CA ILE A 223 -20.92 6.88 21.11
C ILE A 223 -21.74 6.44 22.30
N ALA A 224 -22.35 5.27 22.17
CA ALA A 224 -23.06 4.70 23.31
C ALA A 224 -22.79 3.23 23.38
N LEU A 225 -22.55 2.75 24.60
CA LEU A 225 -22.30 1.34 24.81
C LEU A 225 -23.28 0.81 25.82
N PRO A 226 -23.79 -0.40 25.61
CA PRO A 226 -24.88 -0.92 26.44
C PRO A 226 -24.40 -1.49 27.76
N ASN A 227 -25.31 -1.47 28.72
CA ASN A 227 -25.17 -2.13 30.01
C ASN A 227 -26.14 -3.29 30.15
N LEU A 228 -25.86 -4.15 31.14
CA LEU A 228 -26.67 -5.35 31.35
C LEU A 228 -28.13 -5.03 31.61
N ASP A 229 -28.39 -3.87 32.19
CA ASP A 229 -29.76 -3.51 32.56
C ASP A 229 -30.44 -2.66 31.50
N ARG A 230 -29.89 -2.60 30.30
CA ARG A 230 -30.41 -1.93 29.13
C ARG A 230 -30.20 -0.43 29.20
N SER A 231 -29.57 0.11 30.24
CA SER A 231 -29.09 1.47 30.16
C SER A 231 -27.88 1.52 29.21
N PHE A 232 -27.56 2.72 28.74
CA PHE A 232 -26.38 2.95 27.93
C PHE A 232 -25.57 4.07 28.53
N THR A 233 -24.26 3.93 28.46
CA THR A 233 -23.33 5.02 28.73
C THR A 233 -22.96 5.69 27.42
N VAL A 234 -23.22 6.96 27.34
CA VAL A 234 -22.99 7.76 26.16
C VAL A 234 -21.77 8.63 26.43
N THR A 235 -20.93 8.76 25.43
CA THR A 235 -19.77 9.64 25.53
C THR A 235 -19.81 10.64 24.39
N LEU A 236 -19.74 11.92 24.74
CA LEU A 236 -19.63 13.00 23.80
C LEU A 236 -18.17 13.37 23.65
N PHE A 237 -17.72 13.46 22.40
CA PHE A 237 -16.39 13.92 22.04
C PHE A 237 -16.53 15.24 21.30
N LEU A 238 -15.93 16.28 21.86
CA LEU A 238 -16.11 17.64 21.38
C LEU A 238 -14.87 18.45 21.70
N HIS A 239 -14.46 19.33 20.79
CA HIS A 239 -13.35 20.22 21.05
C HIS A 239 -13.52 20.98 22.37
N HIS A 240 -12.41 21.08 23.13
CA HIS A 240 -12.40 21.93 24.31
C HIS A 240 -12.71 23.37 23.94
N GLN A 241 -12.06 23.85 22.89
CA GLN A 241 -12.09 25.25 22.50
C GLN A 241 -12.45 25.35 21.03
N SER A 242 -13.13 26.42 20.68
CA SER A 242 -13.43 26.73 19.29
C SER A 242 -12.16 27.26 18.65
N PRO A 243 -11.81 26.82 17.46
CA PRO A 243 -10.56 27.31 16.84
C PRO A 243 -10.68 28.77 16.45
N ALA A 244 -9.60 29.51 16.66
CA ALA A 244 -9.44 30.77 15.96
C ALA A 244 -9.43 30.47 14.46
N ALA A 245 -10.27 31.19 13.71
CA ALA A 245 -10.50 30.95 12.29
C ALA A 245 -11.61 29.90 12.10
N GLN A 246 -12.45 29.77 13.11
CA GLN A 246 -13.72 29.05 13.06
C GLN A 246 -14.39 29.26 14.40
N PRO A 247 -14.49 30.51 14.87
CA PRO A 247 -14.90 30.76 16.26
C PRO A 247 -16.36 30.40 16.57
N ALA A 248 -17.18 30.15 15.56
CA ALA A 248 -18.58 29.78 15.82
C ALA A 248 -18.72 28.30 16.13
N SER A 249 -17.76 27.48 15.73
CA SER A 249 -17.96 26.04 15.79
C SER A 249 -18.16 25.59 17.24
N PRO A 250 -18.98 24.55 17.45
CA PRO A 250 -19.25 24.10 18.82
C PRO A 250 -17.99 23.64 19.55
N SER A 251 -18.01 23.82 20.87
CA SER A 251 -16.91 23.39 21.72
C SER A 251 -17.42 23.40 23.15
N PHE A 252 -16.69 22.74 24.03
CA PHE A 252 -17.10 22.77 25.43
C PHE A 252 -17.13 24.19 25.97
N ALA A 253 -16.25 25.05 25.48
CA ALA A 253 -16.25 26.44 25.94
C ALA A 253 -17.54 27.15 25.60
N GLN A 254 -18.19 26.78 24.48
CA GLN A 254 -19.47 27.40 24.17
C GLN A 254 -20.58 26.88 25.08
N LEU A 255 -20.44 25.68 25.63
CA LEU A 255 -21.54 25.09 26.42
C LEU A 255 -21.36 25.50 27.87
N VAL A 256 -21.86 26.71 28.17
CA VAL A 256 -21.58 27.36 29.45
C VAL A 256 -22.27 26.66 30.61
N ASP A 257 -23.37 25.94 30.35
CA ASP A 257 -24.03 25.18 31.39
C ASP A 257 -24.81 24.03 30.76
N GLY A 258 -25.53 23.28 31.59
CA GLY A 258 -26.27 22.13 31.07
C GLY A 258 -27.42 22.51 30.15
N HIS A 259 -28.01 23.71 30.35
CA HIS A 259 -29.07 24.15 29.45
C HIS A 259 -28.54 24.46 28.06
N ALA A 260 -27.31 24.97 27.98
CA ALA A 260 -26.66 25.14 26.69
C ALA A 260 -26.38 23.78 26.04
N ALA A 261 -25.95 22.81 26.85
CA ALA A 261 -25.72 21.46 26.33
C ALA A 261 -27.01 20.86 25.77
N ARG A 262 -28.13 21.08 26.45
CA ARG A 262 -29.40 20.58 25.95
C ARG A 262 -29.75 21.22 24.60
N ARG A 263 -29.60 22.55 24.47
CA ARG A 263 -29.86 23.19 23.19
C ARG A 263 -28.94 22.63 22.09
N PHE A 264 -27.68 22.41 22.44
CA PHE A 264 -26.73 21.83 21.49
C PHE A 264 -27.18 20.44 21.03
N PHE A 265 -27.57 19.59 21.97
CA PHE A 265 -28.00 18.23 21.59
C PHE A 265 -29.29 18.28 20.78
N GLN A 266 -30.22 19.13 21.17
CA GLN A 266 -31.49 19.20 20.46
C GLN A 266 -31.27 19.57 19.00
N ARG A 267 -30.28 20.41 18.73
CA ARG A 267 -30.02 20.86 17.37
C ARG A 267 -29.14 19.89 16.59
N GLN A 268 -28.06 19.39 17.20
CA GLN A 268 -27.07 18.59 16.49
C GLN A 268 -27.31 17.09 16.60
N PHE A 269 -27.99 16.63 17.64
CA PHE A 269 -28.20 15.20 17.88
C PHE A 269 -29.66 14.96 18.23
N PRO A 270 -30.58 15.31 17.33
CA PRO A 270 -32.00 15.39 17.72
C PRO A 270 -32.64 14.05 18.08
N ASP A 271 -32.20 12.93 17.50
CA ASP A 271 -32.78 11.64 17.88
C ASP A 271 -32.17 11.08 19.15
N LEU A 272 -31.09 11.67 19.64
CA LEU A 272 -30.44 11.26 20.87
C LEU A 272 -30.88 12.10 22.07
N SER A 273 -31.08 13.40 21.88
CA SER A 273 -31.49 14.25 22.99
C SER A 273 -32.69 13.72 23.74
N PRO A 274 -33.74 13.22 23.10
CA PRO A 274 -34.90 12.75 23.87
C PRO A 274 -34.59 11.58 24.79
N MET A 275 -33.51 10.82 24.53
CA MET A 275 -33.14 9.69 25.38
C MET A 275 -32.31 10.10 26.57
N LEU A 276 -31.80 11.32 26.58
CA LEU A 276 -30.88 11.79 27.62
C LEU A 276 -31.63 12.61 28.68
N ASP A 277 -32.33 11.92 29.55
CA ASP A 277 -33.20 12.62 30.50
C ASP A 277 -32.41 13.48 31.47
N SER A 278 -31.23 13.03 31.87
CA SER A 278 -30.44 13.75 32.87
C SER A 278 -29.29 14.53 32.23
N LEU A 279 -29.45 14.95 30.98
CA LEU A 279 -28.37 15.61 30.28
C LEU A 279 -27.86 16.81 31.06
N GLU A 280 -28.77 17.69 31.48
CA GLU A 280 -28.33 18.93 32.11
C GLU A 280 -27.46 18.64 33.34
N GLN A 281 -27.87 17.70 34.18
CA GLN A 281 -27.14 17.40 35.42
C GLN A 281 -25.85 16.62 35.13
N ASP A 282 -25.93 15.61 34.27
CA ASP A 282 -24.71 14.91 33.91
C ASP A 282 -23.68 15.89 33.35
N PHE A 283 -24.12 16.82 32.50
CA PHE A 283 -23.18 17.70 31.84
C PHE A 283 -22.46 18.60 32.85
N GLU A 284 -23.17 19.08 33.86
CA GLU A 284 -22.56 19.96 34.84
C GLU A 284 -21.85 19.21 35.96
N HIS A 285 -22.21 17.96 36.24
CA HIS A 285 -21.63 17.23 37.37
C HIS A 285 -20.47 16.32 36.99
N HIS A 286 -20.44 15.81 35.76
CA HIS A 286 -19.37 14.94 35.34
C HIS A 286 -18.21 15.77 34.78
N PRO A 287 -16.97 15.47 35.12
CA PRO A 287 -15.86 16.29 34.62
C PRO A 287 -15.60 16.05 33.15
N THR A 288 -15.17 17.11 32.47
CA THR A 288 -14.73 16.98 31.07
C THR A 288 -13.37 16.31 31.02
N GLY A 289 -13.26 15.23 30.29
CA GLY A 289 -12.01 14.52 30.19
C GLY A 289 -11.10 15.06 29.11
N LYS A 290 -9.82 14.75 29.27
CA LYS A 290 -8.79 15.17 28.35
C LYS A 290 -8.18 13.94 27.72
N LEU A 291 -7.68 14.11 26.51
CA LEU A 291 -7.16 13.04 25.67
C LEU A 291 -5.79 13.46 25.13
N ALA A 292 -4.96 12.47 24.78
CA ALA A 292 -3.64 12.78 24.26
C ALA A 292 -2.96 11.49 23.81
N THR A 293 -1.92 11.66 23.02
CA THR A 293 -1.07 10.56 22.61
C THR A 293 0.32 10.88 23.14
N LEU A 294 0.91 9.96 23.88
CA LEU A 294 2.25 10.19 24.44
C LEU A 294 3.13 9.02 24.04
N ARG A 295 4.24 9.33 23.37
CA ARG A 295 5.17 8.34 22.87
C ARG A 295 6.49 8.51 23.60
N LEU A 296 7.00 7.42 24.15
CA LEU A 296 8.24 7.41 24.92
C LEU A 296 9.30 6.62 24.17
N THR A 297 10.54 7.15 24.18
CA THR A 297 11.61 6.37 23.56
C THR A 297 12.05 5.22 24.42
N THR A 298 11.99 5.33 25.74
CA THR A 298 12.28 4.16 26.56
C THR A 298 11.25 4.02 27.67
N TRP A 299 11.06 2.77 28.08
CA TRP A 299 10.02 2.39 29.01
C TRP A 299 10.56 1.85 30.31
N HIS A 300 11.88 1.76 30.45
CA HIS A 300 12.43 1.15 31.64
C HIS A 300 13.71 1.84 32.08
N VAL A 301 14.02 1.63 33.34
CA VAL A 301 15.27 2.08 33.96
C VAL A 301 16.00 0.83 34.41
N GLY A 302 17.00 0.42 33.64
CA GLY A 302 17.73 -0.79 33.93
C GLY A 302 16.83 -1.96 34.20
N GLY A 303 17.16 -2.72 35.24
CA GLY A 303 16.28 -3.76 35.74
C GLY A 303 15.42 -3.32 36.90
N GLN A 304 15.37 -2.02 37.19
CA GLN A 304 14.71 -1.50 38.37
C GLN A 304 13.25 -1.14 38.15
N ALA A 305 12.87 -0.61 36.98
CA ALA A 305 11.51 -0.13 36.83
C ALA A 305 11.11 -0.20 35.37
N VAL A 306 9.82 -0.45 35.14
CA VAL A 306 9.27 -0.52 33.80
C VAL A 306 7.86 0.05 33.84
N LEU A 307 7.42 0.61 32.71
CA LEU A 307 6.07 1.11 32.50
C LEU A 307 5.30 0.10 31.64
N LEU A 308 4.01 -0.02 31.90
CA LEU A 308 3.16 -0.67 30.91
C LEU A 308 1.77 -0.03 30.95
N GLY A 309 1.00 -0.38 29.94
CA GLY A 309 -0.33 0.16 29.83
C GLY A 309 -0.32 1.62 29.49
N ASP A 310 -1.33 2.36 29.99
CA ASP A 310 -1.40 3.79 29.75
C ASP A 310 -0.19 4.53 30.29
N ALA A 311 0.46 4.00 31.31
CA ALA A 311 1.67 4.67 31.81
C ALA A 311 2.74 4.73 30.74
N ALA A 312 2.78 3.73 29.86
CA ALA A 312 3.80 3.63 28.84
C ALA A 312 3.40 4.29 27.53
N HIS A 313 2.12 4.24 27.15
CA HIS A 313 1.71 4.67 25.81
C HIS A 313 0.29 5.18 25.80
N PRO A 314 0.04 6.33 26.43
CA PRO A 314 -1.29 6.94 26.34
C PRO A 314 -1.70 7.10 24.88
N MET A 315 -2.97 6.79 24.55
CA MET A 315 -3.46 6.84 23.18
C MET A 315 -4.87 7.42 23.19
N VAL A 316 -5.30 7.90 22.02
CA VAL A 316 -6.66 8.42 21.91
C VAL A 316 -7.56 7.20 21.90
N PRO A 317 -8.80 7.33 22.34
CA PRO A 317 -9.64 6.16 22.60
C PRO A 317 -10.43 5.66 21.40
N PHE A 318 -10.18 6.18 20.21
CA PHE A 318 -11.10 5.99 19.09
C PHE A 318 -11.03 4.63 18.44
N HIS A 319 -10.15 3.73 18.85
CA HIS A 319 -10.25 2.35 18.42
C HIS A 319 -10.73 1.41 19.52
N GLY A 320 -10.99 1.92 20.71
CA GLY A 320 -11.40 1.04 21.81
C GLY A 320 -10.37 -0.04 22.10
N GLN A 321 -9.08 0.31 22.09
CA GLN A 321 -8.03 -0.69 22.25
C GLN A 321 -7.09 -0.41 23.42
N GLY A 322 -7.27 0.68 24.15
CA GLY A 322 -6.33 1.00 25.22
C GLY A 322 -6.25 -0.06 26.31
N MET A 323 -7.40 -0.44 26.86
CA MET A 323 -7.42 -1.54 27.82
CA MET A 323 -7.43 -1.54 27.82
C MET A 323 -6.96 -2.84 27.16
N ASN A 324 -7.43 -3.10 25.96
CA ASN A 324 -7.05 -4.34 25.30
C ASN A 324 -5.53 -4.43 25.14
N CYS A 325 -4.91 -3.31 24.76
CA CYS A 325 -3.45 -3.22 24.64
C CYS A 325 -2.78 -3.37 26.02
N ALA A 326 -3.33 -2.75 27.05
CA ALA A 326 -2.73 -2.84 28.38
C ALA A 326 -2.74 -4.27 28.92
N LEU A 327 -3.82 -5.01 28.65
CA LEU A 327 -3.89 -6.39 29.10
C LEU A 327 -2.92 -7.25 28.34
N GLU A 328 -2.78 -7.02 27.03
CA GLU A 328 -1.76 -7.68 26.20
C GLU A 328 -0.35 -7.36 26.70
N ASP A 329 -0.10 -6.09 27.08
CA ASP A 329 1.19 -5.73 27.70
C ASP A 329 1.43 -6.57 28.95
N ALA A 330 0.44 -6.64 29.83
CA ALA A 330 0.62 -7.35 31.10
C ALA A 330 1.03 -8.80 30.88
N VAL A 331 0.40 -9.47 29.91
CA VAL A 331 0.75 -10.84 29.59
C VAL A 331 2.20 -10.88 29.15
N ALA A 332 2.57 -9.95 28.27
CA ALA A 332 3.92 -10.00 27.73
C ALA A 332 4.94 -9.72 28.81
N LEU A 333 4.66 -8.76 29.66
CA LEU A 333 5.61 -8.45 30.70
C LEU A 333 5.79 -9.62 31.67
N ALA A 334 4.69 -10.26 32.08
CA ALA A 334 4.83 -11.38 32.99
C ALA A 334 5.64 -12.49 32.35
N GLU A 335 5.41 -12.75 31.07
CA GLU A 335 6.13 -13.79 30.35
C GLU A 335 7.63 -13.48 30.34
N HIS A 336 8.02 -12.24 30.00
CA HIS A 336 9.43 -11.90 29.92
C HIS A 336 10.09 -11.99 31.28
N LEU A 337 9.43 -11.46 32.31
CA LEU A 337 10.01 -11.49 33.66
C LEU A 337 10.16 -12.91 34.14
N GLN A 338 9.20 -13.78 33.79
CA GLN A 338 9.20 -15.12 34.33
C GLN A 338 10.40 -15.90 33.82
N SER A 339 10.76 -15.68 32.57
CA SER A 339 11.71 -16.56 31.90
C SER A 339 13.04 -15.92 31.55
N ALA A 340 13.26 -14.66 31.92
CA ALA A 340 14.51 -14.03 31.51
C ALA A 340 15.67 -14.42 32.44
N ALA A 341 16.88 -14.11 31.99
CA ALA A 341 18.08 -14.38 32.77
C ALA A 341 18.15 -13.48 33.99
N ASP A 342 17.65 -12.26 33.87
CA ASP A 342 17.61 -11.30 34.96
C ASP A 342 16.59 -10.23 34.60
N ASN A 343 16.28 -9.38 35.57
CA ASN A 343 15.20 -8.41 35.36
C ASN A 343 15.57 -7.40 34.28
N ALA A 344 16.84 -6.94 34.25
CA ALA A 344 17.23 -5.98 33.21
C ALA A 344 17.02 -6.56 31.82
N SER A 345 17.38 -7.84 31.62
CA SER A 345 17.17 -8.49 30.34
C SER A 345 15.70 -8.53 29.98
N ALA A 346 14.88 -8.92 30.96
CA ALA A 346 13.45 -9.01 30.74
C ALA A 346 12.87 -7.67 30.32
N LEU A 347 13.23 -6.59 31.03
CA LEU A 347 12.58 -5.33 30.75
C LEU A 347 12.98 -4.79 29.39
N ALA A 348 14.26 -4.99 29.00
CA ALA A 348 14.69 -4.56 27.69
C ALA A 348 13.96 -5.34 26.60
N ALA A 349 13.75 -6.64 26.83
CA ALA A 349 13.14 -7.48 25.80
C ALA A 349 11.66 -7.17 25.67
N PHE A 350 11.02 -6.89 26.80
CA PHE A 350 9.63 -6.47 26.82
C PHE A 350 9.44 -5.20 26.02
N THR A 351 10.23 -4.17 26.33
CA THR A 351 10.17 -2.90 25.64
C THR A 351 10.39 -3.09 24.15
N ALA A 352 11.40 -3.87 23.78
CA ALA A 352 11.69 -4.07 22.37
C ALA A 352 10.53 -4.73 21.65
N GLN A 353 9.86 -5.68 22.30
CA GLN A 353 8.73 -6.38 21.70
C GLN A 353 7.51 -5.46 21.57
N ARG A 354 7.21 -4.69 22.59
CA ARG A 354 5.91 -4.02 22.64
C ARG A 354 5.94 -2.62 22.04
N GLN A 355 7.10 -1.97 21.96
CA GLN A 355 7.11 -0.59 21.51
C GLN A 355 6.62 -0.44 20.08
N PRO A 356 7.04 -1.28 19.13
CA PRO A 356 6.52 -1.10 17.76
C PRO A 356 5.02 -1.29 17.67
N ASP A 357 4.46 -2.20 18.46
CA ASP A 357 3.02 -2.41 18.43
C ASP A 357 2.28 -1.27 19.10
N ALA A 358 2.82 -0.71 20.19
CA ALA A 358 2.19 0.45 20.82
C ALA A 358 2.11 1.62 19.85
N LEU A 359 3.23 1.90 19.16
CA LEU A 359 3.23 2.97 18.17
C LEU A 359 2.17 2.71 17.10
N ALA A 360 2.03 1.46 16.66
CA ALA A 360 1.08 1.15 15.61
C ALA A 360 -0.34 1.41 16.04
N ILE A 361 -0.75 0.93 17.23
CA ILE A 361 -2.13 1.18 17.67
C ILE A 361 -2.34 2.64 17.99
N GLN A 362 -1.33 3.35 18.50
CA GLN A 362 -1.48 4.78 18.70
C GLN A 362 -1.82 5.48 17.39
N ALA A 363 -1.15 5.07 16.31
CA ALA A 363 -1.39 5.68 15.01
C ALA A 363 -2.73 5.27 14.44
N MET A 364 -3.10 3.99 14.57
CA MET A 364 -4.39 3.52 14.04
C MET A 364 -5.56 4.10 14.81
N ALA A 365 -5.39 4.34 16.11
CA ALA A 365 -6.44 4.96 16.87
C ALA A 365 -6.74 6.37 16.37
N LEU A 366 -5.68 7.15 16.09
CA LEU A 366 -5.88 8.48 15.53
C LEU A 366 -6.54 8.39 14.16
N GLU A 367 -6.08 7.46 13.33
CA GLU A 367 -6.69 7.28 12.02
C GLU A 367 -8.16 6.91 12.15
N ASN A 368 -8.51 6.11 13.17
CA ASN A 368 -9.87 5.59 13.25
C ASN A 368 -10.85 6.71 13.51
N TYR A 369 -10.42 7.79 14.16
CA TYR A 369 -11.35 8.89 14.39
C TYR A 369 -11.86 9.43 13.06
N VAL A 370 -10.94 9.71 12.13
CA VAL A 370 -11.32 10.21 10.82
C VAL A 370 -12.25 9.23 10.11
N GLU A 371 -11.85 7.96 10.04
CA GLU A 371 -12.67 7.00 9.29
C GLU A 371 -14.11 6.94 9.80
N MET A 372 -14.33 7.22 11.08
CA MET A 372 -15.67 7.36 11.65
C MET A 372 -15.92 8.82 12.01
N SER A 373 -16.11 9.64 10.99
CA SER A 373 -16.35 11.06 11.22
C SER A 373 -17.45 11.58 10.30
N PRO A 379 -20.21 6.41 -2.97
CA PRO A 379 -19.09 6.93 -3.75
C PRO A 379 -17.83 6.06 -3.68
N THR A 380 -16.66 6.72 -3.70
CA THR A 380 -15.39 5.99 -3.72
C THR A 380 -15.28 4.99 -2.58
N TYR A 381 -15.77 5.36 -1.39
CA TYR A 381 -15.61 4.51 -0.20
C TYR A 381 -16.46 3.26 -0.31
N LEU A 382 -17.73 3.40 -0.70
CA LEU A 382 -18.58 2.23 -0.87
C LEU A 382 -17.94 1.22 -1.81
N LEU A 383 -17.44 1.71 -2.96
CA LEU A 383 -16.93 0.82 -3.98
C LEU A 383 -15.69 0.08 -3.50
N GLU A 384 -14.80 0.78 -2.80
CA GLU A 384 -13.65 0.10 -2.19
C GLU A 384 -14.12 -0.92 -1.17
N ARG A 385 -14.99 -0.52 -0.25
CA ARG A 385 -15.50 -1.45 0.74
C ARG A 385 -16.25 -2.60 0.09
N GLU A 386 -16.88 -2.37 -1.06
CA GLU A 386 -17.57 -3.45 -1.75
C GLU A 386 -16.57 -4.44 -2.34
N LEU A 387 -15.49 -3.94 -2.96
CA LEU A 387 -14.47 -4.80 -3.53
C LEU A 387 -13.71 -5.56 -2.43
N GLY A 388 -13.52 -4.92 -1.28
CA GLY A 388 -12.89 -5.59 -0.16
C GLY A 388 -13.70 -6.76 0.36
N GLN A 389 -15.04 -6.63 0.34
CA GLN A 389 -15.87 -7.74 0.80
C GLN A 389 -15.74 -8.94 -0.14
N ILE A 390 -15.61 -8.70 -1.44
CA ILE A 390 -15.40 -9.78 -2.38
C ILE A 390 -14.05 -10.45 -2.16
N MET A 391 -12.99 -9.64 -1.95
CA MET A 391 -11.67 -10.23 -1.76
C MET A 391 -11.62 -11.04 -0.47
N ALA A 392 -12.32 -10.58 0.56
CA ALA A 392 -12.38 -11.34 1.80
C ALA A 392 -13.12 -12.66 1.59
N GLN A 393 -14.08 -12.70 0.68
CA GLN A 393 -14.77 -13.96 0.40
C GLN A 393 -13.90 -14.92 -0.41
N ARG A 394 -13.07 -14.41 -1.32
CA ARG A 394 -12.23 -15.28 -2.13
C ARG A 394 -10.99 -15.75 -1.38
N GLN A 395 -10.42 -14.88 -0.56
CA GLN A 395 -9.16 -15.15 0.14
C GLN A 395 -9.30 -14.77 1.61
N PRO A 396 -10.20 -15.43 2.34
CA PRO A 396 -10.44 -15.04 3.73
C PRO A 396 -9.25 -15.23 4.63
N THR A 397 -8.22 -15.98 4.24
CA THR A 397 -7.02 -16.08 5.07
C THR A 397 -5.96 -15.06 4.68
N ARG A 398 -6.22 -14.27 3.65
CA ARG A 398 -5.26 -13.27 3.20
C ARG A 398 -5.77 -11.85 3.26
N PHE A 399 -7.02 -11.62 2.86
CA PHE A 399 -7.62 -10.30 2.85
C PHE A 399 -8.57 -10.20 4.05
N ILE A 400 -8.07 -9.58 5.11
CA ILE A 400 -8.81 -9.43 6.36
C ILE A 400 -8.81 -7.94 6.67
N PRO A 401 -9.98 -7.28 6.72
CA PRO A 401 -10.02 -5.84 7.00
C PRO A 401 -9.22 -5.47 8.23
N ARG A 402 -8.56 -4.32 8.16
CA ARG A 402 -7.72 -3.87 9.27
C ARG A 402 -8.49 -3.83 10.58
N TYR A 403 -9.70 -3.28 10.57
CA TYR A 403 -10.45 -3.26 11.82
C TYR A 403 -10.58 -4.67 12.40
N SER A 404 -10.80 -5.65 11.53
CA SER A 404 -10.97 -7.03 12.01
C SER A 404 -9.67 -7.60 12.50
N MET A 405 -8.55 -7.24 11.88
CA MET A 405 -7.27 -7.70 12.40
C MET A 405 -7.00 -7.12 13.77
N VAL A 406 -7.31 -5.83 13.97
CA VAL A 406 -7.04 -5.21 15.27
C VAL A 406 -7.99 -5.78 16.32
N THR A 407 -9.25 -5.97 15.96
CA THR A 407 -10.29 -6.21 16.95
C THR A 407 -10.51 -7.67 17.24
N PHE A 408 -10.43 -8.54 16.22
CA PHE A 408 -10.80 -9.95 16.36
C PHE A 408 -9.63 -10.90 16.23
N SER A 409 -8.41 -10.40 16.16
CA SER A 409 -7.25 -11.25 16.09
C SER A 409 -6.19 -10.72 17.04
N ARG A 410 -5.16 -11.54 17.23
CA ARG A 410 -4.01 -11.22 18.06
C ARG A 410 -2.77 -10.92 17.25
N LEU A 411 -2.94 -10.78 15.94
CA LEU A 411 -1.83 -10.35 15.10
C LEU A 411 -1.19 -9.12 15.72
N PRO A 412 0.15 -9.07 15.84
CA PRO A 412 0.78 -7.87 16.41
C PRO A 412 0.27 -6.63 15.70
N TYR A 413 -0.04 -5.58 16.48
CA TYR A 413 -0.64 -4.38 15.90
C TYR A 413 0.13 -3.85 14.70
N ALA A 414 1.46 -3.89 14.73
CA ALA A 414 2.23 -3.36 13.61
C ALA A 414 2.09 -4.19 12.36
N GLN A 415 1.92 -5.50 12.49
CA GLN A 415 1.63 -6.34 11.33
C GLN A 415 0.23 -6.06 10.80
N ALA A 416 -0.73 -5.85 11.70
CA ALA A 416 -2.08 -5.49 11.27
C ALA A 416 -2.04 -4.18 10.48
N MET A 417 -1.26 -3.22 10.96
CA MET A 417 -1.21 -1.92 10.30
C MET A 417 -0.55 -2.03 8.93
N ALA A 418 0.51 -2.82 8.83
CA ALA A 418 1.22 -2.99 7.56
C ALA A 418 0.36 -3.70 6.52
N ARG A 419 -0.28 -4.82 6.92
CA ARG A 419 -1.18 -5.51 6.01
C ARG A 419 -2.37 -4.64 5.63
N GLY A 420 -2.86 -3.85 6.58
CA GLY A 420 -3.98 -2.97 6.27
C GLY A 420 -3.62 -1.94 5.20
N GLN A 421 -2.39 -1.43 5.23
CA GLN A 421 -2.01 -0.44 4.22
C GLN A 421 -1.90 -1.08 2.85
N ILE A 422 -1.36 -2.30 2.80
CA ILE A 422 -1.32 -3.03 1.54
C ILE A 422 -2.72 -3.20 0.98
N GLN A 423 -3.65 -3.54 1.85
CA GLN A 423 -5.04 -3.73 1.43
C GLN A 423 -5.66 -2.43 0.97
N GLU A 424 -5.50 -1.36 1.75
CA GLU A 424 -6.14 -0.10 1.39
C GLU A 424 -5.60 0.45 0.07
N GLN A 425 -4.29 0.32 -0.16
CA GLN A 425 -3.70 0.78 -1.41
C GLN A 425 -4.16 -0.06 -2.59
N LEU A 426 -4.27 -1.37 -2.38
CA LEU A 426 -4.73 -2.27 -3.43
C LEU A 426 -6.18 -1.96 -3.82
N LEU A 427 -7.04 -1.72 -2.82
CA LEU A 427 -8.42 -1.36 -3.13
C LEU A 427 -8.49 0.01 -3.80
N LYS A 428 -7.80 1.01 -3.24
CA LYS A 428 -7.88 2.34 -3.84
C LYS A 428 -7.38 2.34 -5.28
N PHE A 429 -6.35 1.56 -5.57
CA PHE A 429 -5.85 1.54 -6.93
C PHE A 429 -6.80 0.77 -7.85
N ALA A 430 -7.40 -0.30 -7.35
CA ALA A 430 -8.30 -1.10 -8.18
C ALA A 430 -9.57 -0.35 -8.55
N VAL A 431 -10.06 0.49 -7.63
CA VAL A 431 -11.29 1.23 -7.89
C VAL A 431 -11.06 2.52 -8.65
N ALA A 432 -9.81 3.02 -8.67
CA ALA A 432 -9.53 4.26 -9.37
C ALA A 432 -9.81 4.13 -10.86
N ASN A 433 -10.44 5.17 -11.42
CA ASN A 433 -10.85 5.19 -12.83
C ASN A 433 -11.91 4.13 -13.12
N HIS A 434 -12.74 3.81 -12.13
CA HIS A 434 -13.90 2.95 -12.31
C HIS A 434 -15.05 3.53 -11.50
N SER A 435 -16.28 3.36 -12.01
CA SER A 435 -17.47 3.88 -11.34
C SER A 435 -18.36 2.79 -10.75
N ASP A 436 -18.24 1.56 -11.23
CA ASP A 436 -18.98 0.43 -10.68
C ASP A 436 -18.02 -0.76 -10.60
N LEU A 437 -18.52 -1.88 -10.12
CA LEU A 437 -17.67 -3.05 -9.88
C LEU A 437 -17.64 -4.03 -11.04
N THR A 438 -18.71 -4.11 -11.84
CA THR A 438 -18.69 -4.97 -13.02
C THR A 438 -17.62 -4.54 -14.01
N SER A 439 -17.14 -3.31 -13.90
CA SER A 439 -16.03 -2.82 -14.70
C SER A 439 -14.67 -3.32 -14.22
N ILE A 440 -14.60 -4.01 -13.09
CA ILE A 440 -13.34 -4.35 -12.45
C ILE A 440 -13.03 -5.83 -12.66
N ASN A 441 -11.75 -6.13 -12.87
CA ASN A 441 -11.29 -7.50 -13.12
C ASN A 441 -10.96 -8.13 -11.77
N LEU A 442 -11.92 -8.87 -11.21
CA LEU A 442 -11.76 -9.42 -9.86
C LEU A 442 -10.63 -10.44 -9.78
N ASP A 443 -10.37 -11.18 -10.86
CA ASP A 443 -9.28 -12.14 -10.83
C ASP A 443 -7.93 -11.44 -10.72
N ALA A 444 -7.78 -10.30 -11.38
CA ALA A 444 -6.51 -9.57 -11.28
C ALA A 444 -6.30 -9.03 -9.87
N VAL A 445 -7.36 -8.51 -9.26
CA VAL A 445 -7.25 -8.04 -7.89
C VAL A 445 -6.87 -9.19 -6.96
N GLU A 446 -7.48 -10.36 -7.16
CA GLU A 446 -7.21 -11.50 -6.29
C GLU A 446 -5.77 -11.96 -6.43
N HIS A 447 -5.24 -11.95 -7.65
CA HIS A 447 -3.84 -12.34 -7.83
C HIS A 447 -2.90 -11.34 -7.16
N GLU A 448 -3.26 -10.06 -7.15
CA GLU A 448 -2.47 -9.10 -6.40
C GLU A 448 -2.58 -9.36 -4.89
N VAL A 449 -3.74 -9.82 -4.43
CA VAL A 449 -3.90 -10.21 -3.03
C VAL A 449 -2.97 -11.36 -2.69
N THR A 450 -3.00 -12.41 -3.51
CA THR A 450 -2.15 -13.58 -3.23
C THR A 450 -0.68 -13.28 -3.49
N ARG A 451 -0.36 -12.21 -4.23
CA ARG A 451 1.02 -11.84 -4.44
C ARG A 451 1.57 -11.02 -3.27
N CYS A 452 0.73 -10.17 -2.68
CA CYS A 452 1.16 -9.22 -1.65
C CYS A 452 0.77 -9.59 -0.23
N LEU A 453 -0.11 -10.56 -0.03
CA LEU A 453 -0.66 -10.84 1.29
C LEU A 453 -0.53 -12.32 1.61
N PRO A 454 0.50 -12.71 2.37
CA PRO A 454 0.66 -14.12 2.71
C PRO A 454 -0.47 -14.61 3.61
N PRO A 455 -0.78 -15.91 3.59
CA PRO A 455 -1.92 -16.39 4.39
C PRO A 455 -1.75 -16.20 5.89
N ARG B 7 -2.49 28.14 -29.41
CA ARG B 7 -2.31 27.53 -28.08
CA ARG B 7 -2.28 27.66 -28.04
C ARG B 7 -0.86 27.14 -27.82
N GLN B 8 -0.42 27.22 -26.58
CA GLN B 8 0.99 27.02 -26.27
C GLN B 8 1.19 25.77 -25.41
N VAL B 9 2.36 25.14 -25.56
CA VAL B 9 2.67 23.97 -24.76
C VAL B 9 4.18 23.90 -24.57
N THR B 10 4.55 23.46 -23.38
CA THR B 10 5.92 23.18 -22.98
C THR B 10 6.04 21.68 -22.79
N ILE B 11 6.99 21.07 -23.49
CA ILE B 11 7.24 19.65 -23.40
C ILE B 11 8.62 19.44 -22.77
N ILE B 12 8.68 18.57 -21.78
CA ILE B 12 9.93 18.21 -21.11
C ILE B 12 10.33 16.82 -21.61
N GLY B 13 11.47 16.73 -22.26
CA GLY B 13 11.97 15.45 -22.72
C GLY B 13 11.86 15.28 -24.22
N ALA B 14 12.99 15.39 -24.92
CA ALA B 14 12.98 15.19 -26.37
C ALA B 14 13.45 13.78 -26.68
N GLY B 15 12.69 12.83 -26.15
CA GLY B 15 12.93 11.41 -26.38
C GLY B 15 12.10 10.91 -27.54
N LEU B 16 11.36 9.84 -27.34
CA LEU B 16 10.49 9.33 -28.40
C LEU B 16 9.08 9.92 -28.30
N ALA B 17 8.44 9.83 -27.15
CA ALA B 17 7.10 10.39 -27.05
C ALA B 17 7.11 11.92 -27.17
N GLY B 18 8.07 12.58 -26.54
CA GLY B 18 8.03 14.02 -26.48
C GLY B 18 8.24 14.64 -27.84
N THR B 19 9.12 14.06 -28.64
CA THR B 19 9.38 14.64 -29.95
C THR B 19 8.25 14.36 -30.90
N LEU B 20 7.62 13.18 -30.80
CA LEU B 20 6.47 12.94 -31.65
C LEU B 20 5.31 13.86 -31.29
N VAL B 21 5.04 14.05 -30.00
CA VAL B 21 3.91 14.90 -29.66
C VAL B 21 4.22 16.34 -30.04
N ALA B 22 5.49 16.74 -29.98
CA ALA B 22 5.89 18.06 -30.44
C ALA B 22 5.56 18.24 -31.92
N ARG B 23 5.90 17.25 -32.74
CA ARG B 23 5.61 17.34 -34.16
C ARG B 23 4.10 17.43 -34.41
N LEU B 24 3.33 16.56 -33.75
CA LEU B 24 1.89 16.49 -34.00
C LEU B 24 1.21 17.79 -33.60
N LEU B 25 1.60 18.36 -32.47
CA LEU B 25 0.99 19.61 -32.03
C LEU B 25 1.48 20.78 -32.87
N ALA B 26 2.79 20.84 -33.19
CA ALA B 26 3.30 21.97 -33.96
C ALA B 26 2.69 22.01 -35.36
N ARG B 27 2.52 20.84 -35.98
CA ARG B 27 1.89 20.76 -37.29
C ARG B 27 0.45 21.25 -37.25
N ASN B 28 -0.19 21.20 -36.09
CA ASN B 28 -1.56 21.67 -35.92
C ASN B 28 -1.62 23.12 -35.48
N GLY B 29 -0.50 23.84 -35.51
CA GLY B 29 -0.47 25.25 -35.20
C GLY B 29 -0.16 25.62 -33.76
N TRP B 30 0.12 24.65 -32.90
CA TRP B 30 0.49 24.96 -31.53
C TRP B 30 1.88 25.60 -31.50
N GLN B 31 2.09 26.45 -30.53
CA GLN B 31 3.42 27.01 -30.27
C GLN B 31 4.09 26.07 -29.29
N VAL B 32 5.16 25.39 -29.74
CA VAL B 32 5.74 24.27 -29.00
C VAL B 32 7.17 24.61 -28.66
N ASN B 33 7.49 24.55 -27.37
CA ASN B 33 8.87 24.57 -26.90
C ASN B 33 9.15 23.25 -26.20
N LEU B 34 10.23 22.61 -26.60
CA LEU B 34 10.63 21.31 -26.08
C LEU B 34 11.99 21.47 -25.43
N PHE B 35 12.07 21.06 -24.16
CA PHE B 35 13.29 21.16 -23.35
C PHE B 35 13.88 19.77 -23.08
N GLU B 36 15.16 19.62 -23.32
CA GLU B 36 15.83 18.34 -23.23
C GLU B 36 17.09 18.51 -22.41
N ARG B 37 17.33 17.60 -21.47
CA ARG B 37 18.51 17.73 -20.61
C ARG B 37 19.81 17.44 -21.36
N ARG B 38 19.78 16.45 -22.26
CA ARG B 38 20.97 16.02 -22.99
C ARG B 38 21.36 17.03 -24.05
N PRO B 39 22.60 16.95 -24.56
CA PRO B 39 22.95 17.73 -25.75
C PRO B 39 22.16 17.24 -26.96
N ASP B 40 22.13 18.07 -27.99
CA ASP B 40 21.52 17.67 -29.27
C ASP B 40 22.33 16.56 -29.92
N PRO B 41 21.77 15.38 -30.10
CA PRO B 41 22.53 14.27 -30.66
C PRO B 41 22.87 14.50 -32.10
N ARG B 42 22.20 15.46 -32.76
CA ARG B 42 22.51 15.74 -34.15
C ARG B 42 23.77 16.57 -34.31
N ILE B 43 24.30 17.13 -33.23
CA ILE B 43 25.56 17.87 -33.29
C ILE B 43 26.68 16.85 -33.06
N GLU B 44 27.39 16.53 -34.13
CA GLU B 44 28.43 15.50 -34.03
C GLU B 44 29.60 15.98 -33.17
N THR B 45 30.03 15.11 -32.27
CA THR B 45 31.18 15.29 -31.41
C THR B 45 32.14 14.14 -31.66
N GLY B 46 33.21 14.13 -30.90
CA GLY B 46 34.18 13.05 -31.01
C GLY B 46 33.86 11.88 -30.11
N ALA B 47 32.72 11.90 -29.41
CA ALA B 47 32.37 10.85 -28.45
C ALA B 47 31.84 9.61 -29.15
N ARG B 48 31.66 8.55 -28.38
CA ARG B 48 31.22 7.26 -28.91
C ARG B 48 29.74 7.29 -29.33
N GLY B 49 29.23 6.13 -29.73
CA GLY B 49 27.86 6.03 -30.22
C GLY B 49 27.08 4.92 -29.54
N ARG B 50 27.15 4.85 -28.22
CA ARG B 50 26.38 3.87 -27.48
C ARG B 50 24.88 4.04 -27.72
N SER B 51 24.24 3.04 -28.31
CA SER B 51 22.78 3.06 -28.38
C SER B 51 22.26 1.69 -28.80
N ILE B 52 21.19 1.25 -28.13
CA ILE B 52 20.59 -0.03 -28.46
C ILE B 52 19.66 0.13 -29.65
N ASN B 53 19.21 -0.98 -30.16
CA ASN B 53 18.16 -1.03 -31.14
C ASN B 53 16.87 -1.43 -30.43
N LEU B 54 15.76 -1.01 -31.01
CA LEU B 54 14.43 -1.23 -30.49
C LEU B 54 13.63 -1.98 -31.52
N ALA B 55 12.70 -2.81 -31.04
CA ALA B 55 11.72 -3.47 -31.90
C ALA B 55 10.53 -2.55 -32.09
N LEU B 56 10.37 -2.08 -33.33
CA LEU B 56 9.28 -1.21 -33.71
C LEU B 56 8.20 -2.08 -34.33
N ALA B 57 6.99 -2.00 -33.80
CA ALA B 57 5.91 -2.85 -34.27
C ALA B 57 4.78 -1.97 -34.81
N GLU B 58 3.60 -2.54 -35.01
CA GLU B 58 2.57 -1.83 -35.75
C GLU B 58 2.08 -0.58 -35.02
N ARG B 59 1.97 -0.62 -33.68
CA ARG B 59 1.48 0.56 -32.97
C ARG B 59 2.43 1.73 -33.16
N GLY B 60 3.75 1.50 -33.01
CA GLY B 60 4.68 2.58 -33.22
C GLY B 60 4.74 2.99 -34.68
N ALA B 61 4.74 2.01 -35.58
CA ALA B 61 4.88 2.32 -37.00
C ALA B 61 3.70 3.15 -37.47
N HIS B 62 2.50 2.82 -36.98
CA HIS B 62 1.32 3.58 -37.36
C HIS B 62 1.39 5.00 -36.80
N ALA B 63 1.88 5.15 -35.57
CA ALA B 63 2.09 6.50 -35.03
C ALA B 63 3.03 7.30 -35.93
N LEU B 64 4.13 6.67 -36.39
CA LEU B 64 5.05 7.36 -37.28
C LEU B 64 4.40 7.65 -38.62
N ARG B 65 3.51 6.77 -39.08
CA ARG B 65 2.82 6.96 -40.34
C ARG B 65 1.92 8.18 -40.28
N LEU B 66 1.16 8.31 -39.19
CA LEU B 66 0.31 9.48 -39.01
C LEU B 66 1.13 10.76 -39.03
N ALA B 67 2.35 10.72 -38.48
CA ALA B 67 3.22 11.88 -38.44
C ALA B 67 4.02 12.10 -39.73
N GLY B 68 3.93 11.18 -40.70
CA GLY B 68 4.64 11.35 -41.94
C GLY B 68 6.10 10.97 -41.88
N LEU B 69 6.49 10.16 -40.89
CA LEU B 69 7.88 9.81 -40.70
C LEU B 69 8.18 8.32 -40.88
N GLU B 70 7.18 7.50 -41.18
CA GLU B 70 7.43 6.06 -41.18
C GLU B 70 8.44 5.67 -42.25
N ARG B 71 8.35 6.23 -43.45
CA ARG B 71 9.25 5.80 -44.51
C ARG B 71 10.70 6.12 -44.17
N GLU B 72 10.94 7.29 -43.60
CA GLU B 72 12.29 7.67 -43.19
C GLU B 72 12.82 6.70 -42.13
N VAL B 73 12.00 6.34 -41.16
CA VAL B 73 12.46 5.44 -40.11
C VAL B 73 12.72 4.05 -40.65
N LEU B 74 11.80 3.52 -41.45
CA LEU B 74 11.95 2.15 -41.91
C LEU B 74 13.13 1.99 -42.86
N ALA B 75 13.51 3.05 -43.58
CA ALA B 75 14.69 2.97 -44.44
C ALA B 75 15.93 2.65 -43.66
N GLU B 76 15.94 2.90 -42.34
CA GLU B 76 17.10 2.66 -41.49
C GLU B 76 16.88 1.50 -40.53
N ALA B 77 15.87 0.67 -40.78
CA ALA B 77 15.48 -0.42 -39.90
C ALA B 77 15.70 -1.77 -40.59
N VAL B 78 16.04 -2.76 -39.78
CA VAL B 78 16.22 -4.14 -40.26
C VAL B 78 14.92 -4.91 -40.06
N MET B 79 14.44 -5.58 -41.10
CA MET B 79 13.26 -6.40 -40.99
C MET B 79 13.51 -7.62 -40.13
N MET B 80 12.59 -7.90 -39.21
CA MET B 80 12.60 -9.15 -38.45
C MET B 80 11.35 -9.91 -38.81
N ARG B 81 11.54 -10.96 -39.61
CA ARG B 81 10.45 -11.76 -40.14
C ARG B 81 9.89 -12.77 -39.15
N GLY B 82 10.64 -13.09 -38.10
CA GLY B 82 10.22 -14.10 -37.17
C GLY B 82 11.10 -14.08 -35.94
N ARG B 83 10.74 -14.94 -35.00
CA ARG B 83 11.48 -15.15 -33.77
C ARG B 83 12.32 -16.41 -33.97
N MET B 84 13.64 -16.25 -33.89
CA MET B 84 14.55 -17.39 -33.98
C MET B 84 14.86 -17.85 -32.56
N VAL B 85 14.32 -19.03 -32.19
CA VAL B 85 14.43 -19.56 -30.85
C VAL B 85 15.54 -20.60 -30.83
N HIS B 86 16.54 -20.35 -29.99
CA HIS B 86 17.70 -21.21 -29.79
C HIS B 86 17.48 -21.95 -28.48
N VAL B 87 17.04 -23.21 -28.56
CA VAL B 87 16.82 -24.07 -27.43
C VAL B 87 17.80 -25.23 -27.52
N PRO B 88 18.59 -25.51 -26.49
CA PRO B 88 19.55 -26.61 -26.57
C PRO B 88 18.88 -27.95 -26.85
N GLY B 89 19.53 -28.71 -27.71
CA GLY B 89 19.08 -30.02 -28.12
C GLY B 89 18.55 -30.06 -29.54
N THR B 90 18.18 -28.93 -30.10
CA THR B 90 17.67 -28.87 -31.46
C THR B 90 18.30 -27.67 -32.15
N PRO B 91 18.30 -27.65 -33.48
CA PRO B 91 18.80 -26.46 -34.20
C PRO B 91 17.92 -25.26 -33.92
N PRO B 92 18.42 -24.04 -34.11
CA PRO B 92 17.56 -22.87 -33.93
C PRO B 92 16.33 -22.96 -34.81
N ASN B 93 15.20 -22.49 -34.30
CA ASN B 93 13.91 -22.68 -34.94
C ASN B 93 13.28 -21.32 -35.21
N LEU B 94 13.06 -21.02 -36.49
CA LEU B 94 12.45 -19.73 -36.85
C LEU B 94 10.94 -19.85 -36.76
N GLN B 95 10.34 -19.03 -35.90
CA GLN B 95 8.89 -18.94 -35.76
C GLN B 95 8.45 -17.70 -36.53
N PRO B 96 7.85 -17.82 -37.71
CA PRO B 96 7.53 -16.63 -38.49
C PRO B 96 6.40 -15.85 -37.85
N TYR B 97 6.47 -14.53 -37.97
CA TYR B 97 5.48 -13.68 -37.33
C TYR B 97 4.17 -13.69 -38.09
N GLY B 98 4.21 -13.87 -39.39
CA GLY B 98 3.01 -13.83 -40.19
C GLY B 98 3.20 -14.59 -41.48
N ARG B 99 2.30 -14.30 -42.42
CA ARG B 99 2.25 -15.06 -43.67
C ARG B 99 3.23 -14.53 -44.72
N ASP B 100 3.72 -13.32 -44.55
CA ASP B 100 4.64 -12.75 -45.52
C ASP B 100 5.29 -11.55 -44.87
N ASP B 101 6.12 -10.84 -45.65
CA ASP B 101 6.93 -9.74 -45.13
C ASP B 101 6.11 -8.52 -44.75
N SER B 102 4.77 -8.61 -44.83
CA SER B 102 3.92 -7.54 -44.35
C SER B 102 3.67 -7.65 -42.85
N GLU B 103 3.87 -8.82 -42.26
CA GLU B 103 3.72 -9.02 -40.82
C GLU B 103 5.12 -9.26 -40.24
N VAL B 104 5.78 -8.14 -39.90
CA VAL B 104 7.16 -8.15 -39.44
C VAL B 104 7.31 -7.08 -38.36
N ILE B 105 8.38 -7.16 -37.61
CA ILE B 105 8.78 -6.06 -36.76
C ILE B 105 10.14 -5.56 -37.22
N TRP B 106 10.46 -4.36 -36.80
CA TRP B 106 11.57 -3.62 -37.38
C TRP B 106 12.55 -3.34 -36.27
N SER B 107 13.83 -3.60 -36.54
CA SER B 107 14.89 -3.29 -35.61
C SER B 107 15.49 -1.94 -36.00
N ILE B 108 15.31 -0.95 -35.14
CA ILE B 108 15.72 0.43 -35.39
C ILE B 108 16.61 0.90 -34.25
N ASN B 109 17.74 1.48 -34.62
CA ASN B 109 18.62 2.10 -33.65
C ASN B 109 17.93 3.26 -32.95
N ARG B 110 18.02 3.29 -31.61
CA ARG B 110 17.38 4.30 -30.81
C ARG B 110 17.84 5.71 -31.18
N ASP B 111 19.16 5.90 -31.29
CA ASP B 111 19.67 7.25 -31.57
C ASP B 111 19.24 7.72 -32.96
N ARG B 112 19.24 6.81 -33.95
CA ARG B 112 18.78 7.21 -35.28
C ARG B 112 17.30 7.55 -35.28
N LEU B 113 16.49 6.79 -34.54
CA LEU B 113 15.07 7.13 -34.45
C LEU B 113 14.87 8.49 -33.81
N ASN B 114 15.57 8.74 -32.72
CA ASN B 114 15.43 10.02 -32.01
C ASN B 114 15.86 11.18 -32.92
N ARG B 115 16.87 10.98 -33.74
CA ARG B 115 17.32 12.05 -34.63
C ARG B 115 16.30 12.37 -35.71
N ILE B 116 15.67 11.33 -36.26
CA ILE B 116 14.61 11.53 -37.26
C ILE B 116 13.45 12.28 -36.63
N LEU B 117 13.10 11.89 -35.42
CA LEU B 117 11.99 12.55 -34.73
C LEU B 117 12.35 13.99 -34.39
N LEU B 118 13.59 14.25 -33.97
CA LEU B 118 13.97 15.62 -33.68
C LEU B 118 13.86 16.49 -34.94
N ASP B 119 14.37 16.00 -36.06
CA ASP B 119 14.24 16.74 -37.30
C ASP B 119 12.78 16.96 -37.64
N GLY B 120 11.94 15.94 -37.39
CA GLY B 120 10.53 16.06 -37.72
C GLY B 120 9.83 17.09 -36.87
N ALA B 121 10.20 17.19 -35.60
CA ALA B 121 9.56 18.17 -34.73
C ALA B 121 9.97 19.57 -35.14
N GLU B 122 11.24 19.78 -35.49
CA GLU B 122 11.66 21.11 -35.92
C GLU B 122 11.07 21.48 -37.28
N ALA B 123 10.88 20.49 -38.17
CA ALA B 123 10.33 20.77 -39.49
C ALA B 123 8.89 21.25 -39.38
N ALA B 124 8.20 20.77 -38.37
CA ALA B 124 6.83 21.14 -38.10
C ALA B 124 6.72 22.46 -37.38
N GLY B 125 7.81 23.03 -36.90
CA GLY B 125 7.75 24.33 -36.27
C GLY B 125 8.04 24.34 -34.78
N ALA B 126 8.28 23.18 -34.16
CA ALA B 126 8.63 23.16 -32.75
C ALA B 126 10.02 23.73 -32.53
N SER B 127 10.20 24.37 -31.38
CA SER B 127 11.52 24.84 -30.96
C SER B 127 12.07 23.91 -29.89
N ILE B 128 13.28 23.41 -30.10
CA ILE B 128 13.88 22.43 -29.20
C ILE B 128 15.10 23.06 -28.53
N HIS B 129 15.12 23.01 -27.20
CA HIS B 129 16.16 23.61 -26.39
C HIS B 129 16.88 22.53 -25.61
N PHE B 130 18.12 22.28 -26.00
CA PHE B 130 18.89 21.23 -25.36
C PHE B 130 19.69 21.78 -24.20
N ASN B 131 20.33 20.86 -23.48
CA ASN B 131 21.17 21.18 -22.34
C ASN B 131 20.38 21.90 -21.23
N LEU B 132 19.10 21.60 -21.09
CA LEU B 132 18.26 22.23 -20.08
C LEU B 132 17.39 21.14 -19.48
N GLY B 133 17.72 20.75 -18.25
CA GLY B 133 17.00 19.72 -17.55
C GLY B 133 16.03 20.37 -16.58
N LEU B 134 14.82 19.85 -16.55
CA LEU B 134 13.83 20.32 -15.58
C LEU B 134 14.20 19.90 -14.18
N ASP B 135 14.25 20.89 -13.28
CA ASP B 135 14.51 20.70 -11.87
C ASP B 135 13.26 20.71 -11.01
N SER B 136 12.30 21.60 -11.27
CA SER B 136 11.13 21.67 -10.40
C SER B 136 10.07 22.49 -11.09
N VAL B 137 8.84 22.37 -10.57
CA VAL B 137 7.69 23.07 -11.10
C VAL B 137 6.98 23.71 -9.94
N ASP B 138 6.62 24.96 -10.11
CA ASP B 138 5.74 25.66 -9.18
C ASP B 138 4.38 25.78 -9.88
N PHE B 139 3.45 24.88 -9.53
CA PHE B 139 2.16 24.88 -10.21
C PHE B 139 1.34 26.12 -9.88
N ALA B 140 1.44 26.63 -8.65
CA ALA B 140 0.62 27.78 -8.27
C ALA B 140 1.06 29.03 -9.03
N ARG B 141 2.38 29.22 -9.19
CA ARG B 141 2.87 30.38 -9.92
C ARG B 141 3.01 30.13 -11.40
N GLN B 142 2.80 28.88 -11.85
CA GLN B 142 2.84 28.55 -13.28
C GLN B 142 4.23 28.79 -13.84
N ARG B 143 5.24 28.43 -13.06
CA ARG B 143 6.61 28.62 -13.46
C ARG B 143 7.37 27.33 -13.25
N LEU B 144 8.39 27.12 -14.05
CA LEU B 144 9.24 25.95 -13.86
C LEU B 144 10.69 26.41 -13.85
N THR B 145 11.54 25.54 -13.30
CA THR B 145 12.96 25.81 -13.16
C THR B 145 13.74 24.76 -13.94
N LEU B 146 14.59 25.24 -14.81
CA LEU B 146 15.49 24.42 -15.62
C LEU B 146 16.93 24.76 -15.28
N SER B 147 17.83 23.82 -15.56
CA SER B 147 19.24 24.11 -15.38
C SER B 147 20.09 23.23 -16.29
N ASN B 148 21.27 23.73 -16.64
CA ASN B 148 22.22 22.92 -17.39
C ASN B 148 22.93 21.99 -16.40
N VAL B 149 23.94 21.27 -16.87
CA VAL B 149 24.59 20.29 -16.02
C VAL B 149 25.33 20.97 -14.87
N SER B 150 25.74 22.23 -15.06
CA SER B 150 26.43 22.99 -14.03
C SER B 150 25.50 23.51 -12.96
N GLY B 151 24.20 23.34 -13.10
CA GLY B 151 23.27 23.85 -12.13
C GLY B 151 22.87 25.30 -12.32
N GLU B 152 23.37 25.98 -13.37
CA GLU B 152 22.91 27.34 -13.65
C GLU B 152 21.43 27.30 -13.93
N ARG B 153 20.62 27.97 -13.10
CA ARG B 153 19.18 27.83 -13.12
C ARG B 153 18.51 28.94 -13.91
N LEU B 154 17.40 28.59 -14.53
CA LEU B 154 16.66 29.42 -15.47
C LEU B 154 15.19 29.15 -15.17
N GLU B 155 14.37 30.20 -15.12
CA GLU B 155 12.94 30.06 -14.84
C GLU B 155 12.12 30.39 -16.07
N LYS B 156 11.06 29.63 -16.30
CA LYS B 156 10.15 29.86 -17.40
C LYS B 156 8.71 29.80 -16.92
N ARG B 157 7.89 30.69 -17.44
CA ARG B 157 6.44 30.54 -17.32
C ARG B 157 5.98 29.40 -18.23
N PHE B 158 4.92 28.71 -17.83
CA PHE B 158 4.32 27.70 -18.68
C PHE B 158 2.80 27.77 -18.54
N HIS B 159 2.10 27.34 -19.58
CA HIS B 159 0.65 27.24 -19.61
C HIS B 159 0.18 25.80 -19.57
N LEU B 160 0.80 24.94 -20.37
CA LEU B 160 0.54 23.50 -20.39
C LEU B 160 1.89 22.80 -20.40
N LEU B 161 2.06 21.81 -19.53
CA LEU B 161 3.32 21.11 -19.35
C LEU B 161 3.11 19.64 -19.66
N ILE B 162 3.88 19.12 -20.61
CA ILE B 162 3.83 17.70 -20.95
C ILE B 162 5.13 17.07 -20.45
N GLY B 163 4.98 16.12 -19.52
CA GLY B 163 6.12 15.35 -19.04
C GLY B 163 6.35 14.11 -19.88
N ALA B 164 7.33 14.23 -20.77
CA ALA B 164 7.78 13.15 -21.63
C ALA B 164 9.23 12.85 -21.30
N ASP B 165 9.57 12.89 -20.01
CA ASP B 165 10.96 12.89 -19.58
C ASP B 165 11.39 11.55 -18.96
N GLY B 166 10.77 10.47 -19.40
CA GLY B 166 11.29 9.13 -19.16
C GLY B 166 10.94 8.55 -17.81
N CYS B 167 11.51 7.38 -17.55
CA CYS B 167 11.08 6.59 -16.41
C CYS B 167 11.44 7.24 -15.07
N ASN B 168 12.43 8.13 -15.02
CA ASN B 168 12.75 8.92 -13.82
C ASN B 168 12.31 10.38 -13.95
N SER B 169 11.14 10.58 -14.54
CA SER B 169 10.52 11.87 -14.77
C SER B 169 10.62 12.86 -13.62
N ALA B 170 11.19 14.03 -13.92
CA ALA B 170 11.14 15.17 -13.02
C ALA B 170 9.75 15.79 -12.95
N VAL B 171 9.00 15.80 -14.06
CA VAL B 171 7.63 16.30 -14.03
C VAL B 171 6.78 15.44 -13.10
N ARG B 172 6.96 14.13 -13.14
CA ARG B 172 6.23 13.25 -12.24
C ARG B 172 6.56 13.55 -10.78
N GLN B 173 7.84 13.76 -10.49
CA GLN B 173 8.25 14.11 -9.14
C GLN B 173 7.59 15.42 -8.70
N ALA B 174 7.55 16.40 -9.60
CA ALA B 174 6.98 17.69 -9.27
C ALA B 174 5.49 17.58 -9.06
N MET B 175 4.81 16.76 -9.88
CA MET B 175 3.37 16.57 -9.72
C MET B 175 3.04 15.92 -8.39
N ALA B 176 3.81 14.90 -8.02
CA ALA B 176 3.59 14.16 -6.79
C ALA B 176 3.67 15.05 -5.57
N SER B 177 4.17 16.27 -5.73
CA SER B 177 4.25 17.23 -4.63
C SER B 177 2.97 18.02 -4.45
N VAL B 178 2.08 18.03 -5.45
CA VAL B 178 0.81 18.72 -5.33
C VAL B 178 -0.39 17.79 -5.42
N VAL B 179 -0.24 16.57 -5.87
CA VAL B 179 -1.33 15.59 -5.92
C VAL B 179 -0.75 14.22 -5.59
N ASP B 180 -1.50 13.44 -4.85
CA ASP B 180 -1.15 12.04 -4.63
C ASP B 180 -1.29 11.31 -5.95
N LEU B 181 -0.18 10.89 -6.52
CA LEU B 181 -0.24 10.16 -7.78
C LEU B 181 -0.60 8.70 -7.59
N GLY B 182 -0.63 8.22 -6.36
CA GLY B 182 -1.00 6.85 -6.08
C GLY B 182 -0.04 5.90 -6.75
N GLU B 183 1.26 6.10 -6.50
CA GLU B 183 2.30 5.32 -7.16
C GLU B 183 2.48 3.98 -6.49
N HIS B 184 2.70 2.95 -7.31
CA HIS B 184 2.97 1.59 -6.83
C HIS B 184 4.11 1.04 -7.68
N LEU B 185 5.24 0.75 -7.04
CA LEU B 185 6.41 0.22 -7.72
C LEU B 185 6.47 -1.28 -7.49
N GLU B 186 6.59 -2.04 -8.59
CA GLU B 186 6.79 -3.49 -8.56
C GLU B 186 8.19 -3.70 -9.10
N THR B 187 9.13 -3.99 -8.21
CA THR B 187 10.50 -4.22 -8.64
C THR B 187 10.59 -5.53 -9.42
N GLN B 188 11.61 -5.60 -10.28
CA GLN B 188 11.89 -6.77 -11.08
C GLN B 188 13.21 -7.39 -10.63
N PRO B 189 13.27 -8.69 -10.35
CA PRO B 189 14.53 -9.26 -9.85
C PRO B 189 15.62 -9.37 -10.91
N HIS B 190 15.29 -9.24 -12.19
CA HIS B 190 16.27 -9.38 -13.26
C HIS B 190 16.96 -8.05 -13.52
N GLY B 191 18.29 -8.08 -13.54
CA GLY B 191 19.04 -7.03 -14.18
C GLY B 191 19.35 -7.43 -15.62
N TYR B 192 20.04 -6.55 -16.31
CA TYR B 192 20.41 -6.88 -17.68
C TYR B 192 21.80 -6.37 -18.01
N LYS B 193 22.42 -7.03 -18.97
CA LYS B 193 23.74 -6.69 -19.45
C LYS B 193 23.73 -6.75 -20.97
N GLU B 194 24.21 -5.67 -21.60
CA GLU B 194 24.31 -5.61 -23.04
C GLU B 194 25.68 -6.05 -23.51
N LEU B 195 25.67 -6.90 -24.54
CA LEU B 195 26.85 -7.53 -25.10
C LEU B 195 26.77 -7.36 -26.61
N GLN B 196 27.88 -7.61 -27.29
CA GLN B 196 27.95 -7.32 -28.71
C GLN B 196 28.44 -8.52 -29.51
N ILE B 197 27.81 -8.73 -30.66
CA ILE B 197 28.30 -9.64 -31.69
C ILE B 197 28.72 -8.77 -32.87
N THR B 198 29.95 -8.95 -33.34
CA THR B 198 30.43 -8.14 -34.44
C THR B 198 29.85 -8.63 -35.75
N PRO B 199 29.92 -7.79 -36.80
CA PRO B 199 29.53 -8.27 -38.12
C PRO B 199 30.31 -9.48 -38.59
N GLU B 200 31.59 -9.57 -38.25
CA GLU B 200 32.37 -10.71 -38.70
C GLU B 200 31.92 -11.99 -38.01
N ALA B 201 31.68 -11.91 -36.70
CA ALA B 201 31.26 -13.08 -35.95
C ALA B 201 29.87 -13.53 -36.38
N SER B 202 28.94 -12.60 -36.53
CA SER B 202 27.59 -13.01 -36.91
C SER B 202 27.61 -13.69 -38.27
N ALA B 203 28.41 -13.20 -39.22
CA ALA B 203 28.50 -13.84 -40.53
C ALA B 203 29.17 -15.20 -40.42
N GLN B 204 30.26 -15.29 -39.65
CA GLN B 204 30.98 -16.56 -39.50
C GLN B 204 30.09 -17.67 -38.96
N PHE B 205 29.21 -17.36 -38.02
CA PHE B 205 28.31 -18.36 -37.44
C PHE B 205 26.92 -18.36 -38.07
N ASN B 206 26.73 -17.64 -39.17
CA ASN B 206 25.48 -17.70 -39.94
C ASN B 206 24.28 -17.29 -39.09
N LEU B 207 24.45 -16.28 -38.27
CA LEU B 207 23.33 -15.79 -37.49
C LEU B 207 22.39 -14.98 -38.38
N GLU B 208 21.12 -15.40 -38.46
CA GLU B 208 20.16 -14.80 -39.40
C GLU B 208 19.93 -13.32 -39.09
N PRO B 209 20.20 -12.40 -40.01
CA PRO B 209 19.97 -10.98 -39.69
C PRO B 209 18.51 -10.61 -39.64
N ASN B 210 17.66 -11.23 -40.43
CA ASN B 210 16.28 -10.75 -40.49
C ASN B 210 15.38 -11.51 -39.53
N ALA B 211 15.81 -11.58 -38.27
CA ALA B 211 15.06 -12.25 -37.22
C ALA B 211 15.44 -11.66 -35.87
N LEU B 212 14.51 -11.76 -34.92
CA LEU B 212 14.80 -11.48 -33.53
C LEU B 212 15.17 -12.79 -32.84
N HIS B 213 16.33 -12.83 -32.21
CA HIS B 213 16.83 -14.05 -31.61
C HIS B 213 16.63 -14.10 -30.11
N ILE B 214 16.29 -15.29 -29.61
CA ILE B 214 16.11 -15.49 -28.17
C ILE B 214 16.72 -16.82 -27.78
N TRP B 215 17.37 -16.82 -26.61
CA TRP B 215 17.96 -18.01 -25.99
C TRP B 215 17.22 -18.18 -24.68
N PRO B 216 16.11 -18.90 -24.67
CA PRO B 216 15.37 -19.10 -23.41
C PRO B 216 16.15 -19.97 -22.44
N HIS B 217 16.03 -19.65 -21.15
CA HIS B 217 16.72 -20.46 -20.16
C HIS B 217 16.04 -20.36 -18.80
N GLY B 218 14.72 -20.26 -18.79
CA GLY B 218 14.00 -20.29 -17.55
C GLY B 218 14.10 -18.97 -16.81
N ASP B 219 14.73 -18.98 -15.65
CA ASP B 219 14.84 -17.76 -14.86
C ASP B 219 15.79 -16.74 -15.47
N TYR B 220 16.51 -17.11 -16.53
CA TYR B 220 17.33 -16.14 -17.25
C TYR B 220 17.24 -16.42 -18.73
N MET B 221 17.70 -15.46 -19.53
CA MET B 221 17.57 -15.58 -20.96
C MET B 221 18.41 -14.51 -21.63
N CYS B 222 18.71 -14.76 -22.91
CA CYS B 222 19.35 -13.77 -23.74
C CYS B 222 18.49 -13.48 -24.96
N ILE B 223 18.56 -12.23 -25.44
CA ILE B 223 17.95 -11.85 -26.71
C ILE B 223 19.00 -11.14 -27.57
N ALA B 224 18.78 -11.15 -28.88
CA ALA B 224 19.63 -10.38 -29.77
C ALA B 224 18.79 -9.76 -30.88
N LEU B 225 19.02 -8.48 -31.13
CA LEU B 225 18.43 -7.76 -32.23
C LEU B 225 19.51 -7.37 -33.23
N PRO B 226 19.21 -7.47 -34.52
CA PRO B 226 20.19 -7.13 -35.54
C PRO B 226 20.31 -5.63 -35.79
N ASN B 227 21.48 -5.24 -36.22
CA ASN B 227 21.77 -3.88 -36.65
C ASN B 227 21.98 -3.87 -38.16
N LEU B 228 21.95 -2.66 -38.74
CA LEU B 228 22.04 -2.56 -40.20
C LEU B 228 23.37 -3.10 -40.71
N ASP B 229 24.42 -2.99 -39.90
CA ASP B 229 25.76 -3.42 -40.31
C ASP B 229 26.04 -4.87 -39.98
N ARG B 230 25.01 -5.62 -39.60
CA ARG B 230 25.05 -7.05 -39.30
C ARG B 230 25.67 -7.34 -37.93
N SER B 231 26.07 -6.33 -37.18
CA SER B 231 26.33 -6.60 -35.78
C SER B 231 25.00 -6.90 -35.09
N PHE B 232 25.07 -7.49 -33.90
CA PHE B 232 23.89 -7.68 -33.08
C PHE B 232 24.17 -7.17 -31.68
N THR B 233 23.16 -6.59 -31.06
CA THR B 233 23.23 -6.29 -29.63
C THR B 233 22.51 -7.42 -28.89
N VAL B 234 23.25 -8.09 -28.03
CA VAL B 234 22.73 -9.16 -27.21
C VAL B 234 22.45 -8.61 -25.83
N THR B 235 21.31 -8.98 -25.23
CA THR B 235 21.03 -8.58 -23.86
C THR B 235 20.79 -9.82 -23.03
N LEU B 236 21.51 -9.92 -21.92
CA LEU B 236 21.35 -10.97 -20.95
C LEU B 236 20.44 -10.46 -19.86
N PHE B 237 19.39 -11.22 -19.56
CA PHE B 237 18.54 -10.91 -18.42
C PHE B 237 18.76 -11.98 -17.37
N LEU B 238 19.17 -11.56 -16.17
CA LEU B 238 19.63 -12.48 -15.14
C LEU B 238 19.41 -11.84 -13.78
N HIS B 239 19.00 -12.64 -12.80
CA HIS B 239 18.75 -12.14 -11.45
C HIS B 239 19.96 -11.34 -10.95
N HIS B 240 19.68 -10.21 -10.30
CA HIS B 240 20.77 -9.51 -9.61
C HIS B 240 21.39 -10.38 -8.55
N GLN B 241 20.57 -11.09 -7.78
CA GLN B 241 20.99 -11.84 -6.61
C GLN B 241 20.37 -13.23 -6.63
N SER B 242 21.05 -14.17 -5.99
CA SER B 242 20.46 -15.48 -5.83
C SER B 242 19.52 -15.47 -4.62
N PRO B 243 18.43 -16.27 -4.66
CA PRO B 243 17.57 -16.31 -3.46
C PRO B 243 18.29 -16.86 -2.25
N ALA B 248 23.59 -19.93 -4.70
CA ALA B 248 22.90 -21.13 -5.18
C ALA B 248 22.74 -21.12 -6.72
N SER B 249 21.69 -20.45 -7.22
CA SER B 249 21.39 -20.40 -8.66
C SER B 249 22.08 -19.23 -9.33
N PRO B 250 22.19 -19.25 -10.66
CA PRO B 250 22.89 -18.18 -11.37
C PRO B 250 22.33 -16.80 -11.05
N SER B 251 23.24 -15.84 -10.88
CA SER B 251 22.88 -14.45 -10.67
C SER B 251 24.11 -13.60 -10.95
N PHE B 252 23.88 -12.30 -11.14
CA PHE B 252 24.98 -11.38 -11.41
C PHE B 252 25.95 -11.33 -10.25
N ALA B 253 25.46 -11.50 -9.02
CA ALA B 253 26.34 -11.48 -7.85
C ALA B 253 27.39 -12.59 -7.93
N GLN B 254 27.03 -13.74 -8.49
CA GLN B 254 27.97 -14.84 -8.68
C GLN B 254 28.82 -14.70 -9.93
N LEU B 255 28.56 -13.71 -10.78
CA LEU B 255 29.33 -13.49 -12.01
C LEU B 255 30.04 -12.15 -11.91
N VAL B 256 31.07 -12.08 -11.09
CA VAL B 256 31.95 -10.92 -11.05
C VAL B 256 33.15 -11.23 -11.94
N ASP B 257 33.59 -10.25 -12.72
CA ASP B 257 34.64 -10.42 -13.71
C ASP B 257 34.16 -11.20 -14.95
N GLY B 258 34.84 -10.99 -16.07
CA GLY B 258 34.39 -11.56 -17.31
C GLY B 258 34.67 -13.04 -17.46
N HIS B 259 35.67 -13.56 -16.73
CA HIS B 259 36.03 -14.97 -16.93
C HIS B 259 34.98 -15.89 -16.35
N ALA B 260 34.44 -15.54 -15.19
CA ALA B 260 33.29 -16.27 -14.66
C ALA B 260 32.12 -16.20 -15.62
N ALA B 261 31.90 -15.03 -16.23
CA ALA B 261 30.82 -14.88 -17.20
C ALA B 261 31.03 -15.76 -18.41
N ARG B 262 32.28 -15.87 -18.88
CA ARG B 262 32.58 -16.74 -20.01
C ARG B 262 32.25 -18.19 -19.71
N ARG B 263 32.61 -18.67 -18.50
CA ARG B 263 32.32 -20.07 -18.18
C ARG B 263 30.82 -20.28 -18.04
N PHE B 264 30.11 -19.31 -17.47
CA PHE B 264 28.65 -19.37 -17.43
C PHE B 264 28.07 -19.51 -18.83
N PHE B 265 28.55 -18.68 -19.78
CA PHE B 265 28.02 -18.76 -21.14
C PHE B 265 28.42 -20.07 -21.81
N GLN B 266 29.64 -20.53 -21.57
CA GLN B 266 30.04 -21.81 -22.15
C GLN B 266 29.20 -22.96 -21.60
N ARG B 267 28.78 -22.89 -20.33
CA ARG B 267 27.99 -23.96 -19.75
C ARG B 267 26.53 -23.90 -20.18
N GLN B 268 25.96 -22.70 -20.20
CA GLN B 268 24.53 -22.53 -20.34
C GLN B 268 24.07 -21.96 -21.66
N PHE B 269 24.97 -21.33 -22.42
CA PHE B 269 24.63 -20.75 -23.73
C PHE B 269 25.70 -21.15 -24.75
N PRO B 270 25.97 -22.45 -24.89
CA PRO B 270 27.15 -22.88 -25.64
C PRO B 270 27.13 -22.48 -27.11
N ASP B 271 25.97 -22.38 -27.74
CA ASP B 271 25.96 -21.96 -29.14
C ASP B 271 26.12 -20.45 -29.30
N LEU B 272 26.05 -19.68 -28.21
CA LEU B 272 26.16 -18.22 -28.23
C LEU B 272 27.54 -17.73 -27.82
N SER B 273 28.17 -18.39 -26.86
CA SER B 273 29.45 -17.92 -26.35
C SER B 273 30.49 -17.76 -27.45
N PRO B 274 30.60 -18.66 -28.43
CA PRO B 274 31.62 -18.46 -29.47
C PRO B 274 31.44 -17.16 -30.24
N MET B 275 30.21 -16.64 -30.31
CA MET B 275 29.90 -15.44 -31.07
C MET B 275 30.20 -14.16 -30.33
N LEU B 276 30.39 -14.22 -29.01
CA LEU B 276 30.59 -13.05 -28.16
C LEU B 276 32.09 -12.90 -27.88
N ASP B 277 32.81 -12.34 -28.86
CA ASP B 277 34.26 -12.25 -28.75
C ASP B 277 34.68 -11.33 -27.62
N SER B 278 33.90 -10.27 -27.36
CA SER B 278 34.24 -9.29 -26.35
C SER B 278 33.47 -9.50 -25.04
N LEU B 279 32.97 -10.71 -24.79
CA LEU B 279 32.15 -10.98 -23.61
C LEU B 279 32.84 -10.49 -22.35
N GLU B 280 34.09 -10.90 -22.15
CA GLU B 280 34.78 -10.59 -20.89
C GLU B 280 34.81 -9.08 -20.65
N GLN B 281 35.14 -8.30 -21.67
CA GLN B 281 35.27 -6.86 -21.45
C GLN B 281 33.91 -6.18 -21.44
N ASP B 282 33.00 -6.60 -22.33
CA ASP B 282 31.64 -6.09 -22.28
C ASP B 282 31.07 -6.27 -20.88
N PHE B 283 31.31 -7.43 -20.28
CA PHE B 283 30.68 -7.77 -19.00
C PHE B 283 31.25 -6.95 -17.87
N GLU B 284 32.54 -6.62 -17.92
CA GLU B 284 33.17 -5.89 -16.81
C GLU B 284 32.95 -4.38 -16.92
N HIS B 285 32.97 -3.85 -18.13
CA HIS B 285 32.42 -2.52 -18.41
C HIS B 285 30.96 -2.73 -18.77
N HIS B 286 30.28 -1.70 -19.24
CA HIS B 286 28.84 -1.80 -19.45
C HIS B 286 28.14 -2.08 -18.12
N PRO B 287 27.39 -1.13 -17.59
CA PRO B 287 26.72 -1.35 -16.31
C PRO B 287 25.63 -2.40 -16.40
N THR B 288 25.34 -3.00 -15.25
CA THR B 288 24.17 -3.86 -15.12
C THR B 288 22.96 -2.96 -14.96
N GLY B 289 21.96 -3.15 -15.80
CA GLY B 289 20.77 -2.33 -15.74
C GLY B 289 19.70 -2.89 -14.84
N LYS B 290 18.78 -2.00 -14.48
CA LYS B 290 17.69 -2.30 -13.56
C LYS B 290 16.36 -2.16 -14.27
N LEU B 291 15.41 -3.02 -13.89
CA LEU B 291 14.07 -3.05 -14.46
C LEU B 291 13.01 -2.89 -13.38
N ALA B 292 11.84 -2.37 -13.77
CA ALA B 292 10.76 -2.22 -12.81
C ALA B 292 9.48 -1.86 -13.55
N THR B 293 8.35 -1.98 -12.83
CA THR B 293 7.05 -1.56 -13.29
C THR B 293 6.54 -0.51 -12.31
N LEU B 294 6.15 0.66 -12.82
CA LEU B 294 5.59 1.70 -11.97
C LEU B 294 4.20 2.06 -12.48
N ARG B 295 3.22 1.98 -11.61
CA ARG B 295 1.83 2.24 -11.93
C ARG B 295 1.35 3.44 -11.13
N LEU B 296 0.71 4.39 -11.80
CA LEU B 296 0.19 5.61 -11.18
C LEU B 296 -1.32 5.63 -11.27
N THR B 297 -1.95 6.12 -10.21
CA THR B 297 -3.40 6.31 -10.19
C THR B 297 -3.82 7.48 -11.06
N THR B 298 -3.04 8.56 -11.05
CA THR B 298 -3.36 9.71 -11.87
C THR B 298 -2.13 10.16 -12.63
N TRP B 299 -2.37 10.66 -13.84
CA TRP B 299 -1.31 11.09 -14.73
C TRP B 299 -1.32 12.60 -14.98
N HIS B 300 -2.24 13.34 -14.36
CA HIS B 300 -2.31 14.75 -14.68
C HIS B 300 -2.67 15.56 -13.46
N VAL B 301 -2.32 16.85 -13.54
CA VAL B 301 -2.74 17.86 -12.57
C VAL B 301 -3.61 18.86 -13.31
N GLY B 302 -4.93 18.79 -13.09
CA GLY B 302 -5.86 19.70 -13.70
C GLY B 302 -5.65 19.79 -15.18
N GLY B 303 -5.69 21.02 -15.71
CA GLY B 303 -5.30 21.26 -17.08
C GLY B 303 -3.85 21.70 -17.22
N GLN B 304 -3.08 21.60 -16.14
CA GLN B 304 -1.75 22.19 -16.11
C GLN B 304 -0.66 21.26 -16.59
N ALA B 305 -0.74 19.96 -16.30
CA ALA B 305 0.38 19.07 -16.60
C ALA B 305 -0.13 17.66 -16.80
N VAL B 306 0.57 16.90 -17.65
CA VAL B 306 0.20 15.52 -17.92
C VAL B 306 1.48 14.73 -18.19
N LEU B 307 1.44 13.45 -17.86
CA LEU B 307 2.56 12.56 -18.11
C LEU B 307 2.23 11.66 -19.29
N LEU B 308 3.25 11.28 -20.06
CA LEU B 308 3.04 10.20 -21.00
C LEU B 308 4.33 9.41 -21.23
N GLY B 309 4.20 8.28 -21.93
CA GLY B 309 5.36 7.45 -22.14
C GLY B 309 5.87 6.82 -20.84
N ASP B 310 7.19 6.63 -20.78
CA ASP B 310 7.82 6.05 -19.60
C ASP B 310 7.61 6.91 -18.35
N ALA B 311 7.43 8.22 -18.50
CA ALA B 311 7.15 9.07 -17.35
C ALA B 311 5.85 8.66 -16.67
N ALA B 312 4.86 8.20 -17.44
CA ALA B 312 3.58 7.78 -16.91
C ALA B 312 3.54 6.32 -16.49
N HIS B 313 4.26 5.41 -17.18
CA HIS B 313 4.04 3.99 -16.99
C HIS B 313 5.28 3.17 -17.33
N PRO B 314 6.32 3.30 -16.54
CA PRO B 314 7.48 2.42 -16.71
C PRO B 314 7.06 0.96 -16.67
N MET B 315 7.60 0.17 -17.59
CA MET B 315 7.24 -1.23 -17.74
C MET B 315 8.50 -2.05 -18.00
N VAL B 316 8.42 -3.35 -17.74
CA VAL B 316 9.54 -4.24 -18.06
C VAL B 316 9.61 -4.40 -19.57
N PRO B 317 10.78 -4.67 -20.13
CA PRO B 317 10.93 -4.58 -21.59
C PRO B 317 10.53 -5.83 -22.36
N PHE B 318 9.95 -6.83 -21.69
CA PHE B 318 9.85 -8.16 -22.23
C PHE B 318 8.83 -8.33 -23.33
N HIS B 319 8.03 -7.33 -23.67
CA HIS B 319 7.23 -7.40 -24.88
C HIS B 319 7.72 -6.50 -25.99
N GLY B 320 8.81 -5.77 -25.78
CA GLY B 320 9.27 -4.80 -26.77
C GLY B 320 8.20 -3.80 -27.16
N GLN B 321 7.48 -3.28 -26.17
CA GLN B 321 6.38 -2.38 -26.48
C GLN B 321 6.44 -1.03 -25.80
N GLY B 322 7.47 -0.72 -25.01
CA GLY B 322 7.49 0.55 -24.30
C GLY B 322 7.54 1.75 -25.24
N MET B 323 8.44 1.73 -26.22
CA MET B 323 8.45 2.79 -27.23
CA MET B 323 8.45 2.78 -27.24
C MET B 323 7.17 2.76 -28.05
N ASN B 324 6.71 1.57 -28.44
CA ASN B 324 5.48 1.52 -29.22
C ASN B 324 4.32 2.16 -28.47
N CYS B 325 4.18 1.81 -27.20
CA CYS B 325 3.17 2.40 -26.35
C CYS B 325 3.37 3.91 -26.21
N ALA B 326 4.62 4.36 -26.10
CA ALA B 326 4.87 5.79 -25.91
C ALA B 326 4.46 6.58 -27.15
N LEU B 327 4.71 6.03 -28.32
CA LEU B 327 4.32 6.70 -29.55
C LEU B 327 2.80 6.70 -29.69
N GLU B 328 2.17 5.59 -29.28
CA GLU B 328 0.71 5.51 -29.27
C GLU B 328 0.12 6.54 -28.30
N ASP B 329 0.74 6.68 -27.10
CA ASP B 329 0.36 7.74 -26.16
C ASP B 329 0.41 9.12 -26.83
N ALA B 330 1.53 9.41 -27.51
CA ALA B 330 1.71 10.74 -28.09
C ALA B 330 0.61 11.05 -29.10
N VAL B 331 0.24 10.09 -29.93
CA VAL B 331 -0.84 10.29 -30.87
C VAL B 331 -2.12 10.60 -30.11
N ALA B 332 -2.41 9.84 -29.05
CA ALA B 332 -3.68 10.02 -28.35
C ALA B 332 -3.71 11.36 -27.64
N LEU B 333 -2.57 11.78 -27.08
CA LEU B 333 -2.53 13.03 -26.34
C LEU B 333 -2.73 14.22 -27.28
N ALA B 334 -2.09 14.17 -28.45
CA ALA B 334 -2.25 15.23 -29.42
C ALA B 334 -3.68 15.32 -29.89
N GLU B 335 -4.32 14.16 -30.10
CA GLU B 335 -5.70 14.17 -30.60
C GLU B 335 -6.65 14.76 -29.57
N HIS B 336 -6.48 14.36 -28.31
CA HIS B 336 -7.32 14.91 -27.25
C HIS B 336 -7.09 16.40 -27.07
N LEU B 337 -5.82 16.85 -27.06
CA LEU B 337 -5.55 18.27 -26.87
C LEU B 337 -6.08 19.11 -28.03
N GLN B 338 -5.96 18.61 -29.24
CA GLN B 338 -6.42 19.35 -30.41
C GLN B 338 -7.91 19.64 -30.35
N SER B 339 -8.71 18.68 -29.89
CA SER B 339 -10.15 18.72 -30.11
C SER B 339 -10.98 18.88 -28.84
N ALA B 340 -10.35 19.07 -27.68
CA ALA B 340 -11.11 19.16 -26.44
C ALA B 340 -11.64 20.58 -26.19
N ALA B 341 -12.63 20.66 -25.30
CA ALA B 341 -13.20 21.96 -24.92
C ALA B 341 -12.16 22.86 -24.25
N ASP B 342 -11.21 22.27 -23.52
CA ASP B 342 -10.20 22.99 -22.75
C ASP B 342 -9.14 21.96 -22.36
N ASN B 343 -8.00 22.45 -21.89
CA ASN B 343 -6.89 21.51 -21.64
C ASN B 343 -7.23 20.56 -20.51
N ALA B 344 -7.94 21.04 -19.47
CA ALA B 344 -8.30 20.16 -18.35
C ALA B 344 -9.17 18.98 -18.83
N SER B 345 -10.19 19.25 -19.66
CA SER B 345 -10.99 18.18 -20.24
C SER B 345 -10.14 17.22 -21.07
N ALA B 346 -9.19 17.77 -21.84
CA ALA B 346 -8.34 16.94 -22.68
C ALA B 346 -7.52 15.97 -21.85
N LEU B 347 -6.93 16.46 -20.76
CA LEU B 347 -5.97 15.63 -20.01
C LEU B 347 -6.71 14.55 -19.23
N ALA B 348 -7.86 14.89 -18.67
CA ALA B 348 -8.67 13.89 -18.01
C ALA B 348 -9.17 12.84 -18.99
N ALA B 349 -9.53 13.24 -20.22
CA ALA B 349 -9.99 12.29 -21.21
C ALA B 349 -8.85 11.40 -21.70
N PHE B 350 -7.68 11.99 -21.92
CA PHE B 350 -6.50 11.23 -22.30
C PHE B 350 -6.18 10.16 -21.25
N THR B 351 -6.12 10.57 -19.98
CA THR B 351 -5.82 9.64 -18.90
C THR B 351 -6.83 8.52 -18.82
N ALA B 352 -8.12 8.85 -18.94
CA ALA B 352 -9.14 7.81 -18.87
C ALA B 352 -9.00 6.81 -20.00
N GLN B 353 -8.62 7.27 -21.20
CA GLN B 353 -8.46 6.37 -22.33
C GLN B 353 -7.24 5.49 -22.17
N ARG B 354 -6.11 6.09 -21.79
CA ARG B 354 -4.84 5.37 -21.88
C ARG B 354 -4.47 4.61 -20.62
N GLN B 355 -4.97 5.00 -19.44
CA GLN B 355 -4.57 4.30 -18.23
C GLN B 355 -4.92 2.81 -18.27
N PRO B 356 -6.09 2.39 -18.72
CA PRO B 356 -6.37 0.95 -18.75
C PRO B 356 -5.48 0.21 -19.73
N ASP B 357 -5.12 0.86 -20.84
CA ASP B 357 -4.25 0.23 -21.82
C ASP B 357 -2.83 0.11 -21.30
N ALA B 358 -2.32 1.15 -20.63
CA ALA B 358 -1.01 1.08 -20.01
C ALA B 358 -0.93 -0.05 -18.99
N LEU B 359 -1.93 -0.16 -18.12
CA LEU B 359 -1.93 -1.26 -17.15
C LEU B 359 -1.92 -2.60 -17.87
N ALA B 360 -2.67 -2.70 -18.97
CA ALA B 360 -2.73 -3.95 -19.71
C ALA B 360 -1.37 -4.33 -20.29
N ILE B 361 -0.68 -3.38 -20.93
CA ILE B 361 0.59 -3.77 -21.53
C ILE B 361 1.63 -4.02 -20.43
N GLN B 362 1.57 -3.29 -19.32
CA GLN B 362 2.48 -3.57 -18.22
C GLN B 362 2.33 -5.03 -17.76
N ALA B 363 1.09 -5.50 -17.64
CA ALA B 363 0.86 -6.86 -17.15
C ALA B 363 1.26 -7.88 -18.20
N MET B 364 1.00 -7.62 -19.48
CA MET B 364 1.31 -8.58 -20.53
C MET B 364 2.82 -8.69 -20.74
N ALA B 365 3.56 -7.60 -20.51
CA ALA B 365 5.01 -7.64 -20.61
C ALA B 365 5.63 -8.52 -19.53
N LEU B 366 5.16 -8.44 -18.29
CA LEU B 366 5.58 -9.34 -17.23
C LEU B 366 5.31 -10.79 -17.61
N GLU B 367 4.11 -11.06 -18.12
CA GLU B 367 3.75 -12.42 -18.51
C GLU B 367 4.59 -12.93 -19.68
N ASN B 368 4.96 -12.04 -20.60
CA ASN B 368 5.64 -12.50 -21.81
C ASN B 368 7.00 -13.08 -21.47
N TYR B 369 7.64 -12.58 -20.41
CA TYR B 369 8.91 -13.17 -19.98
C TYR B 369 8.75 -14.66 -19.71
N VAL B 370 7.74 -15.01 -18.91
CA VAL B 370 7.51 -16.40 -18.54
C VAL B 370 7.20 -17.23 -19.77
N GLU B 371 6.36 -16.70 -20.66
CA GLU B 371 5.95 -17.48 -21.82
C GLU B 371 7.16 -17.79 -22.70
N MET B 372 8.02 -16.81 -22.92
CA MET B 372 9.13 -16.98 -23.84
C MET B 372 10.28 -17.75 -23.24
N SER B 373 10.54 -17.55 -21.95
CA SER B 373 11.75 -18.12 -21.36
C SER B 373 11.52 -19.44 -20.64
N SER B 374 10.30 -19.69 -20.17
CA SER B 374 10.00 -20.91 -19.44
C SER B 374 9.03 -21.82 -20.18
N LYS B 375 7.93 -21.29 -20.69
CA LYS B 375 6.90 -22.15 -21.25
C LYS B 375 7.32 -22.76 -22.58
N VAL B 376 8.24 -22.14 -23.32
CA VAL B 376 8.67 -22.68 -24.61
C VAL B 376 9.04 -24.16 -24.50
N ALA B 377 9.47 -24.61 -23.32
CA ALA B 377 9.91 -25.99 -23.12
C ALA B 377 8.88 -26.84 -22.39
N SER B 378 7.62 -26.38 -22.29
CA SER B 378 6.57 -27.13 -21.60
C SER B 378 5.73 -27.90 -22.60
N PRO B 379 5.63 -29.23 -22.51
CA PRO B 379 4.81 -29.96 -23.50
C PRO B 379 3.35 -29.54 -23.48
N THR B 380 2.80 -29.24 -22.29
CA THR B 380 1.44 -28.74 -22.21
C THR B 380 1.30 -27.41 -22.97
N TYR B 381 2.25 -26.50 -22.78
CA TYR B 381 2.23 -25.26 -23.52
C TYR B 381 2.33 -25.50 -25.02
N LEU B 382 3.22 -26.38 -25.45
CA LEU B 382 3.31 -26.62 -26.89
C LEU B 382 2.01 -27.19 -27.46
N LEU B 383 1.32 -28.02 -26.68
CA LEU B 383 0.05 -28.57 -27.13
C LEU B 383 -1.03 -27.48 -27.24
N GLU B 384 -1.13 -26.63 -26.22
CA GLU B 384 -2.03 -25.49 -26.29
C GLU B 384 -1.71 -24.61 -27.51
N ARG B 385 -0.41 -24.41 -27.79
CA ARG B 385 -0.06 -23.54 -28.92
C ARG B 385 -0.47 -24.19 -30.24
N GLU B 386 -0.39 -25.51 -30.34
CA GLU B 386 -0.85 -26.20 -31.54
C GLU B 386 -2.35 -26.07 -31.73
N LEU B 387 -3.12 -26.29 -30.66
CA LEU B 387 -4.56 -26.08 -30.73
C LEU B 387 -4.91 -24.63 -31.06
N GLY B 388 -4.16 -23.69 -30.47
CA GLY B 388 -4.38 -22.28 -30.78
C GLY B 388 -4.21 -21.97 -32.25
N GLN B 389 -3.22 -22.59 -32.90
CA GLN B 389 -3.01 -22.36 -34.32
C GLN B 389 -4.20 -22.84 -35.13
N ILE B 390 -4.78 -23.98 -34.74
CA ILE B 390 -5.93 -24.51 -35.47
C ILE B 390 -7.16 -23.62 -35.25
N MET B 391 -7.36 -23.13 -34.03
CA MET B 391 -8.48 -22.22 -33.80
C MET B 391 -8.30 -20.93 -34.60
N ALA B 392 -7.06 -20.50 -34.82
CA ALA B 392 -6.85 -19.26 -35.54
C ALA B 392 -7.23 -19.41 -37.00
N GLN B 393 -7.00 -20.60 -37.58
CA GLN B 393 -7.34 -20.83 -38.98
C GLN B 393 -8.83 -21.14 -39.15
N ARG B 394 -9.48 -21.70 -38.14
CA ARG B 394 -10.91 -21.93 -38.24
C ARG B 394 -11.74 -20.68 -37.95
N GLN B 395 -11.21 -19.74 -37.16
CA GLN B 395 -11.95 -18.52 -36.79
C GLN B 395 -10.96 -17.37 -36.68
N PRO B 396 -10.40 -16.93 -37.82
CA PRO B 396 -9.36 -15.90 -37.76
C PRO B 396 -9.86 -14.53 -37.31
N THR B 397 -11.16 -14.25 -37.36
CA THR B 397 -11.69 -12.99 -36.87
C THR B 397 -11.95 -13.02 -35.37
N ARG B 398 -11.96 -14.20 -34.76
N ARG B 398 -11.95 -14.19 -34.76
CA ARG B 398 -12.26 -14.34 -33.34
CA ARG B 398 -12.26 -14.34 -33.34
C ARG B 398 -11.06 -14.76 -32.53
C ARG B 398 -11.08 -14.79 -32.51
N PHE B 399 -10.28 -15.73 -33.02
CA PHE B 399 -9.13 -16.25 -32.29
C PHE B 399 -7.86 -15.70 -32.91
N ILE B 400 -7.37 -14.61 -32.33
CA ILE B 400 -6.15 -13.95 -32.75
C ILE B 400 -5.16 -14.07 -31.60
N PRO B 401 -4.05 -14.78 -31.77
CA PRO B 401 -3.11 -14.96 -30.65
C PRO B 401 -2.75 -13.63 -30.02
N ARG B 402 -2.56 -13.65 -28.70
CA ARG B 402 -2.36 -12.39 -27.99
C ARG B 402 -1.12 -11.67 -28.48
N TYR B 403 -0.03 -12.40 -28.71
CA TYR B 403 1.17 -11.72 -29.19
C TYR B 403 0.87 -10.97 -30.48
N SER B 404 0.02 -11.54 -31.33
CA SER B 404 -0.27 -10.90 -32.60
C SER B 404 -1.19 -9.70 -32.41
N MET B 405 -2.14 -9.81 -31.48
CA MET B 405 -2.98 -8.66 -31.17
C MET B 405 -2.15 -7.49 -30.68
N VAL B 406 -1.14 -7.78 -29.83
CA VAL B 406 -0.30 -6.71 -29.29
C VAL B 406 0.60 -6.15 -30.37
N THR B 407 1.23 -7.04 -31.16
CA THR B 407 2.35 -6.63 -32.00
C THR B 407 1.91 -6.15 -33.38
N PHE B 408 0.87 -6.75 -33.96
CA PHE B 408 0.51 -6.48 -35.36
C PHE B 408 -0.85 -5.81 -35.51
N SER B 409 -1.53 -5.45 -34.43
CA SER B 409 -2.81 -4.77 -34.52
C SER B 409 -2.77 -3.55 -33.62
N ARG B 410 -3.80 -2.72 -33.77
CA ARG B 410 -3.94 -1.53 -32.93
CA ARG B 410 -3.98 -1.51 -32.98
C ARG B 410 -5.12 -1.65 -31.99
N LEU B 411 -5.61 -2.85 -31.77
CA LEU B 411 -6.63 -3.07 -30.76
C LEU B 411 -6.15 -2.49 -29.43
N PRO B 412 -6.99 -1.77 -28.68
CA PRO B 412 -6.52 -1.27 -27.37
C PRO B 412 -5.90 -2.39 -26.56
N TYR B 413 -4.74 -2.11 -25.96
CA TYR B 413 -4.07 -3.14 -25.17
C TYR B 413 -5.00 -3.85 -24.21
N ALA B 414 -5.92 -3.11 -23.54
CA ALA B 414 -6.77 -3.75 -22.55
C ALA B 414 -7.75 -4.72 -23.19
N GLN B 415 -8.21 -4.46 -24.44
CA GLN B 415 -9.01 -5.45 -25.15
C GLN B 415 -8.17 -6.64 -25.59
N ALA B 416 -6.94 -6.40 -26.02
CA ALA B 416 -6.05 -7.49 -26.35
C ALA B 416 -5.86 -8.40 -25.15
N MET B 417 -5.64 -7.82 -23.98
CA MET B 417 -5.43 -8.65 -22.81
C MET B 417 -6.70 -9.39 -22.42
N ALA B 418 -7.86 -8.75 -22.50
CA ALA B 418 -9.10 -9.40 -22.11
C ALA B 418 -9.43 -10.57 -23.05
N ARG B 419 -9.34 -10.34 -24.36
CA ARG B 419 -9.54 -11.45 -25.30
C ARG B 419 -8.48 -12.51 -25.09
N GLY B 420 -7.26 -12.11 -24.77
CA GLY B 420 -6.20 -13.08 -24.56
C GLY B 420 -6.45 -13.98 -23.37
N GLN B 421 -7.06 -13.44 -22.33
CA GLN B 421 -7.40 -14.25 -21.16
C GLN B 421 -8.51 -15.24 -21.49
N ILE B 422 -9.51 -14.81 -22.26
CA ILE B 422 -10.52 -15.76 -22.71
C ILE B 422 -9.88 -16.87 -23.52
N GLN B 423 -8.96 -16.53 -24.41
CA GLN B 423 -8.35 -17.52 -25.27
C GLN B 423 -7.47 -18.49 -24.46
N GLU B 424 -6.71 -17.96 -23.51
CA GLU B 424 -5.82 -18.79 -22.72
C GLU B 424 -6.60 -19.80 -21.89
N GLN B 425 -7.70 -19.36 -21.28
CA GLN B 425 -8.54 -20.28 -20.52
C GLN B 425 -9.17 -21.34 -21.42
N LEU B 426 -9.68 -20.92 -22.57
CA LEU B 426 -10.25 -21.85 -23.54
C LEU B 426 -9.26 -22.97 -23.86
N LEU B 427 -8.01 -22.61 -24.19
CA LEU B 427 -7.01 -23.60 -24.55
C LEU B 427 -6.59 -24.45 -23.36
N LYS B 428 -6.48 -23.84 -22.18
CA LYS B 428 -6.03 -24.58 -21.00
C LYS B 428 -7.03 -25.70 -20.66
N PHE B 429 -8.31 -25.38 -20.65
CA PHE B 429 -9.30 -26.38 -20.31
C PHE B 429 -9.47 -27.38 -21.44
N ALA B 430 -9.27 -26.96 -22.68
CA ALA B 430 -9.43 -27.89 -23.80
C ALA B 430 -8.32 -28.93 -23.80
N VAL B 431 -7.10 -28.52 -23.45
CA VAL B 431 -5.96 -29.43 -23.47
C VAL B 431 -5.83 -30.25 -22.19
N ALA B 432 -6.39 -29.81 -21.09
CA ALA B 432 -6.19 -30.53 -19.83
C ALA B 432 -6.61 -31.98 -19.97
N ASN B 433 -5.78 -32.87 -19.42
CA ASN B 433 -6.02 -34.31 -19.38
C ASN B 433 -5.98 -34.95 -20.76
N HIS B 434 -5.41 -34.26 -21.73
CA HIS B 434 -5.16 -34.84 -23.05
C HIS B 434 -3.68 -34.69 -23.37
N SER B 435 -3.08 -35.77 -23.85
CA SER B 435 -1.66 -35.78 -24.14
C SER B 435 -1.35 -35.44 -25.59
N ASP B 436 -2.35 -35.33 -26.46
CA ASP B 436 -2.14 -35.06 -27.87
C ASP B 436 -3.43 -34.54 -28.49
N LEU B 437 -3.27 -33.83 -29.62
CA LEU B 437 -4.42 -33.19 -30.25
C LEU B 437 -5.46 -34.20 -30.74
N THR B 438 -5.04 -35.44 -31.03
CA THR B 438 -5.96 -36.41 -31.61
C THR B 438 -7.14 -36.69 -30.68
N SER B 439 -6.94 -36.54 -29.37
CA SER B 439 -7.99 -36.81 -28.39
C SER B 439 -8.79 -35.57 -28.01
N ILE B 440 -8.58 -34.45 -28.68
CA ILE B 440 -9.25 -33.20 -28.34
C ILE B 440 -10.41 -32.99 -29.30
N ASN B 441 -11.60 -32.77 -28.74
CA ASN B 441 -12.79 -32.46 -29.52
C ASN B 441 -12.69 -31.05 -30.10
N LEU B 442 -12.18 -30.93 -31.33
CA LEU B 442 -11.90 -29.61 -31.88
C LEU B 442 -13.16 -28.77 -31.98
N ASP B 443 -14.27 -29.36 -32.42
CA ASP B 443 -15.45 -28.56 -32.66
C ASP B 443 -16.09 -28.05 -31.37
N ALA B 444 -15.95 -28.80 -30.28
CA ALA B 444 -16.35 -28.24 -28.99
C ALA B 444 -15.50 -27.03 -28.63
N VAL B 445 -14.20 -27.06 -28.97
CA VAL B 445 -13.34 -25.90 -28.75
C VAL B 445 -13.82 -24.72 -29.59
N GLU B 446 -14.04 -24.96 -30.89
CA GLU B 446 -14.47 -23.88 -31.77
C GLU B 446 -15.82 -23.31 -31.34
N HIS B 447 -16.73 -24.16 -30.85
CA HIS B 447 -18.01 -23.67 -30.37
C HIS B 447 -17.83 -22.70 -29.21
N GLU B 448 -16.85 -22.96 -28.33
CA GLU B 448 -16.56 -22.00 -27.27
C GLU B 448 -15.92 -20.74 -27.82
N VAL B 449 -15.17 -20.83 -28.93
CA VAL B 449 -14.61 -19.63 -29.54
C VAL B 449 -15.73 -18.73 -30.04
N THR B 450 -16.63 -19.30 -30.84
CA THR B 450 -17.78 -18.53 -31.32
C THR B 450 -18.65 -18.05 -30.17
N ARG B 451 -18.76 -18.82 -29.11
CA ARG B 451 -19.63 -18.43 -28.00
C ARG B 451 -19.03 -17.32 -27.15
N CYS B 452 -17.69 -17.25 -27.03
CA CYS B 452 -17.05 -16.35 -26.08
C CYS B 452 -16.21 -15.25 -26.71
N LEU B 453 -15.95 -15.30 -28.01
CA LEU B 453 -15.06 -14.34 -28.69
C LEU B 453 -15.77 -13.68 -29.87
N PRO B 454 -16.29 -12.47 -29.71
CA PRO B 454 -16.95 -11.80 -30.83
C PRO B 454 -15.97 -11.52 -31.95
N PRO B 455 -16.45 -11.45 -33.20
CA PRO B 455 -15.54 -11.18 -34.31
C PRO B 455 -15.09 -9.74 -34.29
N LEU B 456 -13.89 -9.51 -34.80
CA LEU B 456 -13.29 -8.19 -34.84
C LEU B 456 -13.23 -7.68 -36.28
N SER B 457 -13.48 -6.39 -36.45
CA SER B 457 -13.37 -5.74 -37.75
C SER B 457 -11.91 -5.51 -38.12
PA FAD C . -5.81 2.46 34.48
O1A FAD C . -6.92 1.49 34.15
O2A FAD C . -6.03 3.92 34.37
O5B FAD C . -5.35 2.16 35.92
C5B FAD C . -4.31 2.92 36.56
C4B FAD C . -4.44 2.73 38.04
O4B FAD C . -3.37 3.42 38.71
C3B FAD C . -5.73 3.25 38.66
O3B FAD C . -6.30 2.33 39.57
C2B FAD C . -5.30 4.56 39.34
O2B FAD C . -6.05 4.95 40.47
C1B FAD C . -3.90 4.16 39.79
N9A FAD C . -2.98 5.23 40.06
C8A FAD C . -2.75 6.36 39.33
N7A FAD C . -1.79 7.12 39.80
C5A FAD C . -1.34 6.42 40.92
C6A FAD C . -0.33 6.68 41.88
N6A FAD C . 0.45 7.76 41.87
N1A FAD C . -0.13 5.77 42.85
C2A FAD C . -0.89 4.67 42.88
N3A FAD C . -1.93 4.37 42.07
C4A FAD C . -2.06 5.26 41.09
N1 FAD C . -9.99 0.95 26.14
C2 FAD C . -10.53 -0.16 25.55
O2 FAD C . -9.89 -1.21 25.38
N3 FAD C . -11.82 -0.14 25.17
C4 FAD C . -12.67 0.95 25.25
O4 FAD C . -13.83 0.88 24.82
C4X FAD C . -12.07 2.13 25.80
N5 FAD C . -12.81 3.23 25.93
C5X FAD C . -12.23 4.36 26.46
C6 FAD C . -12.96 5.53 26.55
C7 FAD C . -12.43 6.68 27.10
C7M FAD C . -13.29 7.91 27.19
C8 FAD C . -11.11 6.68 27.56
C8M FAD C . -10.50 7.92 28.15
C9 FAD C . -10.35 5.51 27.46
C9A FAD C . -10.89 4.35 26.92
N10 FAD C . -10.15 3.16 26.81
C10 FAD C . -10.70 2.03 26.24
C1' FAD C . -8.76 3.09 27.30
C2' FAD C . -8.69 2.50 28.71
O2' FAD C . -9.52 3.21 29.64
C3' FAD C . -7.25 2.55 29.24
O3' FAD C . -6.38 2.27 28.15
C4' FAD C . -6.97 1.51 30.32
O4' FAD C . -7.77 1.78 31.48
C5' FAD C . -5.50 1.51 30.70
O5' FAD C . -5.30 0.61 31.81
P FAD C . -4.16 0.83 32.85
O1P FAD C . -4.23 -0.31 33.85
O2P FAD C . -2.88 1.03 32.11
O3P FAD C . -4.55 2.17 33.56
H51A FAD C . -4.40 3.83 36.34
H52A FAD C . -3.46 2.62 36.26
H4B FAD C . -4.37 1.81 38.24
H3B FAD C . -6.35 3.45 37.98
HO3A FAD C . -5.72 2.03 40.08
H2B FAD C . -5.31 5.25 38.70
HO2A FAD C . -5.96 4.39 41.08
H1B FAD C . -3.99 3.64 40.57
H8A FAD C . -3.25 6.57 38.57
H61A FAD C . 0.41 8.32 41.21
H62A FAD C . 1.01 7.89 42.52
H2A FAD C . -0.74 4.10 43.58
HN3 FAD C . -12.12 -0.88 24.82
H6 FAD C . -13.81 5.39 26.19
HM71 FAD C . -12.83 8.57 27.68
HM72 FAD C . -14.09 7.69 27.62
HM73 FAD C . -13.47 8.22 26.33
HM81 FAD C . -9.66 7.71 28.51
HM82 FAD C . -11.06 8.25 28.82
HM83 FAD C . -10.40 8.57 27.48
H9 FAD C . -9.66 5.64 28.08
H1'1 FAD C . -8.40 3.96 27.31
H1'2 FAD C . -8.26 2.55 26.72
H2' FAD C . -8.98 1.62 28.65
HO2' FAD C . -9.22 3.98 29.75
H3' FAD C . -7.08 3.41 29.58
HO3' FAD C . -5.63 2.59 28.30
H4' FAD C . -7.20 0.66 30.01
HO4' FAD C . -7.32 1.68 32.16
H5'1 FAD C . -5.24 2.38 30.95
H5'2 FAD C . -4.99 1.23 29.97
C10 E0T D . -14.43 2.67 22.49
C02 E0T D . -16.19 -0.16 16.97
C04 E0T D . -16.13 1.26 17.50
C05 E0T D . -16.64 2.45 17.00
C06 E0T D . -16.28 3.44 17.96
C07 E0T D . -15.55 2.79 18.93
C08 E0T D . -15.02 3.25 20.20
C09 E0T D . -14.88 2.30 21.23
C11 E0T D . -14.15 4.00 22.74
C12 E0T D . -14.33 4.91 21.73
C14 E0T D . -14.77 4.57 20.49
O01 E0T D . -16.97 -0.38 16.01
O03 E0T D . -15.49 -1.02 17.58
O16 E0T D . -15.50 1.48 18.67
CL1 E0T D . -13.97 6.54 22.03
CL2 E0T D . -14.92 5.84 19.33
C1 PGE E . 3.58 1.12 56.59
O1 PGE E . 3.94 1.67 57.85
C2 PGE E . 2.18 0.52 56.63
O2 PGE E . 1.71 0.29 55.31
C3 PGE E . 2.06 -0.99 54.89
C4 PGE E . 1.73 -1.22 53.42
O4 PGE E . 5.19 -3.77 52.46
C6 PGE E . 3.84 -3.91 52.04
C5 PGE E . 2.94 -3.28 53.08
O3 PGE E . 2.84 -1.90 52.83
H1 PGE E . 3.59 1.88 55.80
H12 PGE E . 4.27 0.32 56.29
HO1 PGE E . 4.87 1.90 57.83
H2 PGE E . 2.21 -0.42 57.20
H22 PGE E . 1.52 1.21 57.18
H3 PGE E . 3.15 -1.16 55.01
H32 PGE E . 1.53 -1.76 55.48
H4 PGE E . 0.81 -1.83 53.34
H42 PGE E . 1.54 -0.25 52.93
HO4 PGE E . 5.73 -4.40 51.96
H6 PGE E . 3.56 -4.97 51.92
H62 PGE E . 3.66 -3.41 51.07
H5 PGE E . 3.34 -3.48 54.08
H52 PGE E . 1.94 -3.76 53.01
CA CA F . -1.04 10.72 48.49
PA FAD G . 12.68 8.31 -23.27
O1A FAD G . 12.90 7.73 -24.63
O2A FAD G . 13.50 7.74 -22.17
O5B FAD G . 12.90 9.83 -23.40
C5B FAD G . 13.00 10.67 -22.23
C4B FAD G . 13.73 11.93 -22.59
O4B FAD G . 13.61 12.87 -21.49
C3B FAD G . 15.23 11.75 -22.84
O3B FAD G . 15.64 12.43 -24.03
C2B FAD G . 15.87 12.28 -21.56
O2B FAD G . 17.16 12.78 -21.77
C1B FAD G . 14.90 13.40 -21.21
N9A FAD G . 14.91 13.81 -19.83
C8A FAD G . 14.91 13.02 -18.71
N7A FAD G . 14.84 13.71 -17.58
C5A FAD G . 14.74 15.03 -18.01
C6A FAD G . 14.63 16.25 -17.32
N6A FAD G . 14.59 16.34 -15.99
N1A FAD G . 14.56 17.38 -18.04
C2A FAD G . 14.59 17.29 -19.38
N3A FAD G . 14.71 16.20 -20.15
C4A FAD G . 14.79 15.11 -19.39
N1 FAD G . 10.63 -0.44 -26.31
C2 FAD G . 10.15 -0.90 -27.51
O2 FAD G . 9.12 -0.45 -28.02
N3 FAD G . 10.85 -1.89 -28.17
C4 FAD G . 11.99 -2.51 -27.70
O4 FAD G . 12.55 -3.38 -28.36
C4X FAD G . 12.44 -2.01 -26.42
N5 FAD G . 13.52 -2.55 -25.89
C5X FAD G . 13.95 -2.07 -24.65
C6 FAD G . 15.08 -2.65 -24.06
C7 FAD G . 15.54 -2.22 -22.82
C7M FAD G . 16.77 -2.84 -22.23
C8 FAD G . 14.85 -1.19 -22.15
C8M FAD G . 15.32 -0.68 -20.82
C9 FAD G . 13.72 -0.62 -22.73
C9A FAD G . 13.26 -1.06 -23.97
N10 FAD G . 12.11 -0.51 -24.58
C10 FAD G . 11.67 -0.97 -25.80
C1' FAD G . 11.37 0.59 -23.93
C2' FAD G . 11.76 1.98 -24.46
O2' FAD G . 13.17 2.20 -24.42
C3' FAD G . 11.07 3.09 -23.67
O3' FAD G . 9.76 2.65 -23.33
C4' FAD G . 10.92 4.39 -24.47
O4' FAD G . 12.22 4.94 -24.71
C5' FAD G . 10.05 5.41 -23.76
O5' FAD G . 10.08 6.63 -24.50
P FAD G . 9.86 8.01 -23.76
O1P FAD G . 9.88 9.10 -24.82
O2P FAD G . 8.66 7.91 -22.87
O3P FAD G . 11.16 8.12 -22.86
H51A FAD G . 13.48 10.22 -21.56
H52A FAD G . 12.15 10.88 -21.91
H4B FAD G . 13.33 12.33 -23.34
H3B FAD G . 15.43 10.84 -22.93
HO3A FAD G . 15.31 13.19 -24.05
H2B FAD G . 15.88 11.62 -20.89
HO2A FAD G . 17.15 13.33 -22.40
H1B FAD G . 15.10 14.15 -21.75
H8A FAD G . 14.98 12.10 -18.75
H61A FAD G . 14.60 15.62 -15.50
H62A FAD G . 14.54 17.12 -15.60
H2A FAD G . 14.54 18.09 -19.85
HN3 FAD G . 10.54 -2.15 -28.94
H6 FAD G . 15.43 -3.31 -24.61
HM71 FAD G . 16.95 -2.46 -21.39
HM72 FAD G . 17.50 -2.70 -22.79
HM73 FAD G . 16.63 -3.77 -22.12
HM81 FAD G . 14.78 0.05 -20.55
HM82 FAD G . 16.22 -0.41 -20.88
HM83 FAD G . 15.25 -1.37 -20.18
H9 FAD G . 13.28 -0.23 -22.01
H1'1 FAD G . 11.53 0.57 -23.00
H1'2 FAD G . 10.45 0.46 -24.07
H2' FAD G . 11.49 2.02 -25.36
HO2' FAD G . 13.37 2.47 -23.65
H3' FAD G . 11.54 3.25 -22.89
HO3' FAD G . 9.59 2.87 -22.54
H4' FAD G . 10.53 4.19 -25.29
HO4' FAD G . 12.20 5.77 -24.58
H5'1 FAD G . 10.39 5.55 -22.89
H5'2 FAD G . 9.18 5.08 -23.70
C10 E0T H . 12.44 -6.20 -27.08
C02 E0T H . 9.26 -10.88 -30.15
C04 E0T H . 10.19 -10.78 -28.99
C05 E0T H . 10.83 -11.77 -28.30
C06 E0T H . 11.59 -11.06 -27.30
C07 E0T H . 11.29 -9.73 -27.45
C08 E0T H . 11.84 -8.54 -26.79
C09 E0T H . 11.88 -7.36 -27.57
C11 E0T H . 13.01 -6.19 -25.81
C12 E0T H . 12.99 -7.36 -25.07
C14 E0T H . 12.44 -8.53 -25.54
O01 E0T H . 8.65 -9.82 -30.48
O03 E0T H . 9.22 -12.01 -30.71
O16 E0T H . 10.48 -9.55 -28.47
CL1 E0T H . 13.71 -7.33 -23.49
CL2 E0T H . 12.48 -9.93 -24.50
C1 PGE I . 11.75 30.65 -24.58
O1 PGE I . 10.79 30.89 -23.56
C2 PGE I . 12.40 29.30 -24.36
O2 PGE I . 13.79 29.42 -24.59
C3 PGE I . 14.61 28.76 -23.65
C4 PGE I . 16.06 29.07 -23.92
O4 PGE I . 16.16 33.16 -21.73
C6 PGE I . 16.98 32.09 -22.20
C5 PGE I . 16.04 30.93 -22.44
O3 PGE I . 16.70 29.76 -22.85
H1 PGE I . 11.28 30.64 -25.58
H12 PGE I . 12.54 31.41 -24.58
HO1 PGE I . 11.14 30.56 -22.73
H2 PGE I . 12.19 28.96 -23.33
H22 PGE I . 11.95 28.57 -25.06
H3 PGE I . 14.36 29.07 -22.63
H32 PGE I . 14.46 27.67 -23.71
H4 PGE I . 16.59 28.12 -24.10
H42 PGE I . 16.12 29.68 -24.84
HO4 PGE I . 16.68 33.97 -21.76
H6 PGE I . 17.75 31.80 -21.47
H62 PGE I . 17.49 32.33 -23.15
H5 PGE I . 15.30 31.25 -23.18
H52 PGE I . 15.49 30.75 -21.49
#